data_6GQ7
#
_entry.id   6GQ7
#
_cell.length_a   139.590
_cell.length_b   67.066
_cell.length_c   104.897
_cell.angle_alpha   90.00
_cell.angle_beta   97.28
_cell.angle_gamma   90.00
#
_symmetry.space_group_name_H-M   'C 1 2 1'
#
loop_
_entity.id
_entity.type
_entity.pdbx_description
1 polymer 'Phosphatidylinositol 4,5-bisphosphate 3-kinase catalytic subunit gamma isoform'
2 non-polymer 3-methyl-1-(oxan-4-yl)-8-pyridin-3-yl-imidazo[4,5-c]quinolin-2-one
3 water water
#
_entity_poly.entity_id   1
_entity_poly.type   'polypeptide(L)'
_entity_poly.pdbx_seq_one_letter_code
;MSEESQAFQRQLTALIGYDVTDVSNVHDDELEFTRRGLVTPRMAEVASRDPKLYAMHPWVTSKPLPEYLWKKIANNCIFI
VIHRSTTSQTIKVSPDDTPGAILQSFFTKMAKKKSLMDIPESQSEQDFVLRVCGRDEYLVGETPIKNFQWVRHCLKNGEE
IHVVLDTPPDPALDEVRKEEWPLVDDCTGVTGYHEQLTIHGKDHESVFTVSLWDCDRKFRVKIRGIDIPVLPRNTDLTVF
VEANIQHGQQVLCQRRTSPKPFTEEVLWNVWLEFSIKIKDLPKGALLNLQIYCGKAPALSSKASAESPSSESKGKVQLLY
YVNLLLIDHRFLLRRGEYVLHMWQISGKGEDQGSFNADKLTSATNPDKENSMSISILLDNYCHPIALPKHQPTPDPEGDR
VRAEMPNQLRKQLEAIIATDPLNPLTAEDKELLWHFRYESLKHPKAYPKLFSSVKWGQQEIVAKTYQLLARREVWDQSAL
DVGLTMQLLDCNFSDENVRAIAVQKLESLEDDDVLHYLLQLVQAVKFEPYHDSALARFLLKRGLRNKRIGHFLFWFLRSE
IAQSRHYQQRFAVILEAYLRGCGTAMLHDFTQQVQVIEMLQKVTLDIKSLSAEKYDVSSQVISQLKQKLENLQNSQLPES
FRVPYDPGLKAGALAIEKCKVMASKKKPLWLEFKCADPTALSNETIGIIFKHGDDLRQDMLILQILRIMESIWETESLDL
CLLPYGCISTGDKIGMIEIVKDATTIAKIQQSTVGNTGAFKDEVLNHWLKEKSPTEEKFQAAVERFVYSCAGYCVATFVL
GIGDRHNDNIMITETGNLFHIDFGHILGNYKSFLGINKERVPFVLTPDFLFVMGTSGKKTSPHFQKFQDICVKAYLALRH
HTNLLIILFSMMLMTGMPQLTSKEDIEYIRDALTVGKNEEDAKKYFLDQIEVCRDKGWTVQFNWFLHLVLGIKQGEKHSA
HHHHHH
;
_entity_poly.pdbx_strand_id   A
#
loop_
_chem_comp.id
_chem_comp.type
_chem_comp.name
_chem_comp.formula
DD8 non-polymer 3-methyl-1-(oxan-4-yl)-8-pyridin-3-yl-imidazo[4,5-c]quinolin-2-one 'C21 H20 N4 O2'
#
# COMPACT_ATOMS: atom_id res chain seq x y z
N GLU A 4 -29.65 -5.81 -21.84
CA GLU A 4 -29.28 -6.78 -22.87
C GLU A 4 -27.75 -6.86 -23.03
N SER A 5 -27.17 -5.99 -23.88
CA SER A 5 -25.73 -5.92 -24.11
C SER A 5 -25.00 -5.14 -22.98
N GLN A 6 -25.79 -4.45 -22.12
CA GLN A 6 -25.35 -3.62 -20.97
C GLN A 6 -25.34 -4.35 -19.61
N ALA A 7 -25.89 -5.59 -19.55
CA ALA A 7 -25.97 -6.42 -18.33
C ALA A 7 -24.62 -6.67 -17.65
N PHE A 8 -23.55 -6.84 -18.46
CA PHE A 8 -22.20 -7.07 -17.99
C PHE A 8 -21.62 -5.87 -17.24
N GLN A 9 -21.89 -4.63 -17.72
CA GLN A 9 -21.41 -3.41 -17.10
C GLN A 9 -22.06 -3.22 -15.73
N ARG A 10 -23.36 -3.51 -15.59
CA ARG A 10 -24.07 -3.41 -14.31
C ARG A 10 -23.58 -4.46 -13.28
N GLN A 11 -22.89 -5.51 -13.77
CA GLN A 11 -22.26 -6.57 -12.97
C GLN A 11 -20.93 -6.00 -12.47
N LEU A 12 -20.16 -5.34 -13.38
CA LEU A 12 -18.91 -4.67 -13.05
C LEU A 12 -19.18 -3.54 -12.06
N THR A 13 -20.25 -2.72 -12.31
CA THR A 13 -20.72 -1.59 -11.49
C THR A 13 -20.85 -2.04 -10.05
N ALA A 14 -21.49 -3.21 -9.82
CA ALA A 14 -21.70 -3.79 -8.49
C ALA A 14 -20.40 -4.34 -7.88
N LEU A 15 -19.43 -4.77 -8.73
CA LEU A 15 -18.14 -5.27 -8.26
C LEU A 15 -17.27 -4.11 -7.78
N ILE A 16 -17.19 -3.03 -8.61
CA ILE A 16 -16.42 -1.83 -8.35
C ILE A 16 -16.99 -1.06 -7.14
N GLY A 17 -18.31 -0.88 -7.11
CA GLY A 17 -19.02 -0.16 -6.06
C GLY A 17 -19.30 1.29 -6.46
N TYR A 18 -18.99 1.61 -7.72
CA TYR A 18 -19.15 2.91 -8.35
C TYR A 18 -19.39 2.73 -9.85
N ASP A 19 -20.27 3.57 -10.45
CA ASP A 19 -20.64 3.53 -11.87
C ASP A 19 -19.71 4.35 -12.79
N VAL A 20 -18.92 3.66 -13.62
CA VAL A 20 -17.99 4.27 -14.59
C VAL A 20 -18.72 4.89 -15.78
N THR A 21 -19.83 4.28 -16.25
CA THR A 21 -20.64 4.80 -17.35
C THR A 21 -21.34 6.12 -16.95
N ASP A 22 -21.70 6.28 -15.64
CA ASP A 22 -22.32 7.50 -15.11
C ASP A 22 -21.32 8.62 -15.07
N VAL A 23 -21.55 9.63 -15.92
CA VAL A 23 -20.69 10.80 -16.04
C VAL A 23 -21.54 12.06 -15.81
N SER A 24 -21.50 12.55 -14.56
CA SER A 24 -22.25 13.72 -14.08
C SER A 24 -21.33 14.71 -13.35
N ASN A 25 -20.25 14.20 -12.72
CA ASN A 25 -19.22 14.99 -12.02
C ASN A 25 -17.94 15.11 -12.90
N VAL A 26 -18.13 15.21 -14.24
CA VAL A 26 -17.02 15.32 -15.20
C VAL A 26 -17.18 16.57 -16.09
N HIS A 27 -16.11 17.40 -16.19
CA HIS A 27 -16.11 18.62 -17.01
C HIS A 27 -15.44 18.41 -18.38
N ASP A 28 -14.70 17.31 -18.51
CA ASP A 28 -14.04 16.92 -19.75
C ASP A 28 -14.48 15.49 -20.09
N ASP A 29 -13.64 14.67 -20.74
CA ASP A 29 -14.01 13.29 -21.08
C ASP A 29 -12.85 12.33 -20.79
N GLU A 30 -11.94 12.74 -19.89
CA GLU A 30 -10.74 11.99 -19.50
C GLU A 30 -11.03 10.57 -19.02
N LEU A 31 -12.03 10.38 -18.14
CA LEU A 31 -12.37 9.05 -17.67
C LEU A 31 -12.72 8.15 -18.85
N GLU A 32 -13.68 8.60 -19.71
CA GLU A 32 -14.10 7.89 -20.93
C GLU A 32 -12.96 7.66 -21.93
N PHE A 33 -12.02 8.60 -22.03
CA PHE A 33 -10.86 8.51 -22.90
C PHE A 33 -9.84 7.51 -22.37
N THR A 34 -9.76 7.36 -21.03
CA THR A 34 -8.81 6.46 -20.37
C THR A 34 -9.43 5.06 -20.22
N ARG A 35 -10.76 4.98 -20.27
CA ARG A 35 -11.48 3.71 -20.27
C ARG A 35 -11.22 3.11 -21.66
N ARG A 36 -11.25 4.00 -22.69
CA ARG A 36 -11.00 3.69 -24.10
C ARG A 36 -9.54 3.31 -24.38
N GLY A 37 -8.61 4.05 -23.76
CA GLY A 37 -7.18 3.83 -23.95
C GLY A 37 -6.59 2.63 -23.23
N LEU A 38 -7.26 2.18 -22.16
CA LEU A 38 -6.85 1.08 -21.29
C LEU A 38 -7.17 -0.30 -21.89
N VAL A 39 -7.99 -0.31 -22.96
CA VAL A 39 -8.42 -1.52 -23.68
C VAL A 39 -7.22 -2.27 -24.24
N THR A 40 -6.32 -1.59 -24.94
CA THR A 40 -5.12 -2.16 -25.55
C THR A 40 -4.20 -2.90 -24.52
N PRO A 41 -3.69 -2.27 -23.42
CA PRO A 41 -2.80 -3.02 -22.49
C PRO A 41 -3.46 -4.20 -21.77
N ARG A 42 -4.81 -4.23 -21.74
CA ARG A 42 -5.58 -5.35 -21.21
C ARG A 42 -5.56 -6.46 -22.28
N MET A 43 -5.93 -6.10 -23.55
CA MET A 43 -5.95 -7.02 -24.70
C MET A 43 -4.59 -7.69 -24.83
N ALA A 44 -3.50 -6.89 -24.77
CA ALA A 44 -2.10 -7.31 -24.85
C ALA A 44 -1.72 -8.32 -23.76
N GLU A 45 -2.14 -8.07 -22.50
CA GLU A 45 -1.81 -8.95 -21.37
C GLU A 45 -2.63 -10.21 -21.39
N VAL A 46 -3.96 -10.10 -21.58
CA VAL A 46 -4.89 -11.25 -21.68
C VAL A 46 -4.30 -12.27 -22.66
N ALA A 47 -3.93 -11.81 -23.87
CA ALA A 47 -3.37 -12.60 -24.96
C ALA A 47 -1.96 -13.16 -24.70
N SER A 48 -1.08 -12.41 -24.04
CA SER A 48 0.30 -12.86 -23.82
C SER A 48 0.47 -13.87 -22.68
N ARG A 49 -0.46 -13.93 -21.71
CA ARG A 49 -0.32 -14.85 -20.58
C ARG A 49 -0.54 -16.33 -20.96
N ASP A 50 0.33 -17.23 -20.43
CA ASP A 50 0.27 -18.68 -20.62
C ASP A 50 -0.99 -19.15 -19.89
N PRO A 51 -2.06 -19.60 -20.62
CA PRO A 51 -3.32 -19.96 -19.95
C PRO A 51 -3.23 -21.05 -18.89
N LYS A 52 -2.18 -21.90 -18.98
CA LYS A 52 -1.92 -22.99 -18.03
C LYS A 52 -1.34 -22.40 -16.74
N LEU A 53 -0.29 -21.57 -16.84
CA LEU A 53 0.33 -20.96 -15.66
C LEU A 53 -0.51 -19.81 -15.09
N TYR A 54 -1.44 -19.24 -15.88
CA TYR A 54 -2.34 -18.20 -15.38
C TYR A 54 -3.34 -18.83 -14.40
N ALA A 55 -3.94 -19.97 -14.80
CA ALA A 55 -4.94 -20.70 -14.03
C ALA A 55 -4.42 -21.25 -12.69
N MET A 56 -3.13 -21.63 -12.62
CA MET A 56 -2.57 -22.21 -11.41
C MET A 56 -1.73 -21.24 -10.58
N HIS A 57 -1.41 -20.05 -11.11
CA HIS A 57 -0.68 -18.97 -10.43
C HIS A 57 0.45 -19.45 -9.44
N PRO A 58 1.43 -20.32 -9.82
CA PRO A 58 2.45 -20.72 -8.83
C PRO A 58 3.15 -19.54 -8.19
N TRP A 59 2.98 -19.39 -6.86
CA TRP A 59 3.59 -18.30 -6.12
C TRP A 59 5.01 -18.76 -5.81
N VAL A 60 5.96 -18.23 -6.60
CA VAL A 60 7.39 -18.58 -6.55
C VAL A 60 8.28 -17.37 -6.28
N THR A 61 9.58 -17.63 -6.06
CA THR A 61 10.59 -16.61 -5.82
C THR A 61 11.91 -16.98 -6.53
N SER A 62 12.70 -15.96 -6.92
CA SER A 62 14.00 -16.10 -7.56
C SER A 62 15.08 -15.54 -6.61
N LYS A 63 14.67 -15.28 -5.36
CA LYS A 63 15.53 -14.77 -4.31
C LYS A 63 16.28 -15.93 -3.65
N PRO A 64 17.47 -15.70 -3.04
CA PRO A 64 18.20 -16.82 -2.42
C PRO A 64 17.53 -17.36 -1.16
N LEU A 65 17.67 -18.67 -0.94
CA LEU A 65 17.17 -19.38 0.24
C LEU A 65 17.93 -18.80 1.45
N PRO A 66 17.24 -18.31 2.50
CA PRO A 66 17.95 -17.65 3.61
C PRO A 66 18.78 -18.59 4.50
N GLU A 67 19.64 -17.99 5.37
CA GLU A 67 20.52 -18.67 6.32
C GLU A 67 19.74 -19.55 7.30
N TYR A 68 18.68 -18.98 7.91
CA TYR A 68 17.81 -19.63 8.90
C TYR A 68 16.98 -20.80 8.35
N LEU A 69 16.77 -20.86 7.02
CA LEU A 69 15.98 -21.93 6.40
C LEU A 69 16.82 -23.13 5.91
N TRP A 70 18.15 -22.93 5.69
CA TRP A 70 19.04 -24.04 5.30
C TRP A 70 19.35 -24.92 6.53
N LYS A 71 19.07 -24.41 7.74
CA LYS A 71 19.25 -25.11 9.02
C LYS A 71 18.25 -26.27 9.15
N LYS A 72 17.02 -26.09 8.62
CA LYS A 72 15.96 -27.10 8.65
C LYS A 72 16.23 -28.26 7.69
N ILE A 73 16.81 -27.97 6.50
CA ILE A 73 17.13 -29.01 5.51
C ILE A 73 18.48 -29.67 5.85
N ALA A 74 18.48 -31.00 5.94
CA ALA A 74 19.65 -31.82 6.24
C ALA A 74 19.66 -33.06 5.33
N ASN A 75 20.88 -33.44 4.86
CA ASN A 75 21.28 -34.58 3.98
C ASN A 75 21.92 -34.16 2.62
N ASN A 76 21.45 -33.10 1.88
CA ASN A 76 20.35 -32.16 2.13
C ASN A 76 19.09 -32.51 1.35
N CYS A 77 18.03 -32.91 2.07
CA CYS A 77 16.73 -33.28 1.48
C CYS A 77 15.54 -32.80 2.32
N ILE A 78 14.41 -32.54 1.66
CA ILE A 78 13.16 -32.13 2.30
C ILE A 78 12.07 -33.18 2.04
N PHE A 79 11.14 -33.33 2.99
CA PHE A 79 10.07 -34.32 2.92
C PHE A 79 8.74 -33.67 2.55
N ILE A 80 8.16 -34.09 1.40
CA ILE A 80 6.86 -33.59 0.94
C ILE A 80 5.86 -34.79 0.86
N VAL A 81 4.85 -34.76 1.73
CA VAL A 81 3.84 -35.82 1.81
C VAL A 81 2.69 -35.58 0.81
N ILE A 82 2.56 -36.50 -0.17
CA ILE A 82 1.52 -36.47 -1.23
C ILE A 82 0.30 -37.31 -0.79
N HIS A 83 -0.90 -36.69 -0.82
CA HIS A 83 -2.17 -37.32 -0.46
C HIS A 83 -2.99 -37.67 -1.72
N ARG A 84 -3.99 -38.59 -1.60
CA ARG A 84 -4.89 -39.00 -2.69
C ARG A 84 -6.19 -39.65 -2.20
N THR A 86 -7.30 -40.31 0.82
CA THR A 86 -7.32 -41.24 1.94
C THR A 86 -5.93 -41.88 2.19
N THR A 87 -5.22 -42.29 1.11
CA THR A 87 -3.89 -42.92 1.20
C THR A 87 -2.76 -41.92 0.90
N SER A 88 -1.91 -41.67 1.91
CA SER A 88 -0.77 -40.74 1.88
C SER A 88 0.58 -41.44 1.99
N GLN A 89 1.62 -40.84 1.35
CA GLN A 89 2.99 -41.36 1.36
C GLN A 89 4.04 -40.25 1.21
N THR A 90 5.01 -40.22 2.13
CA THR A 90 6.10 -39.23 2.18
C THR A 90 7.18 -39.56 1.13
N ILE A 91 7.70 -38.52 0.45
CA ILE A 91 8.76 -38.63 -0.55
C ILE A 91 9.92 -37.66 -0.23
N LYS A 92 11.15 -38.20 -0.06
CA LYS A 92 12.37 -37.43 0.20
C LYS A 92 12.77 -36.76 -1.12
N VAL A 93 12.88 -35.42 -1.15
CA VAL A 93 13.20 -34.66 -2.36
C VAL A 93 14.34 -33.63 -2.13
N SER A 94 15.17 -33.39 -3.15
CA SER A 94 16.28 -32.42 -3.08
C SER A 94 15.72 -30.98 -3.18
N PRO A 95 16.26 -30.00 -2.42
CA PRO A 95 15.73 -28.62 -2.51
C PRO A 95 15.69 -28.01 -3.92
N ASP A 96 16.66 -28.40 -4.77
CA ASP A 96 16.79 -27.92 -6.14
C ASP A 96 15.95 -28.70 -7.18
N ASP A 97 15.12 -29.68 -6.75
CA ASP A 97 14.29 -30.50 -7.63
C ASP A 97 12.97 -29.85 -8.06
N THR A 98 12.69 -29.88 -9.37
CA THR A 98 11.48 -29.35 -10.03
C THR A 98 10.24 -30.20 -9.63
N PRO A 99 8.99 -29.63 -9.59
CA PRO A 99 7.83 -30.45 -9.20
C PRO A 99 7.50 -31.66 -10.09
N GLY A 100 7.81 -31.54 -11.38
CA GLY A 100 7.60 -32.59 -12.38
C GLY A 100 8.45 -33.82 -12.13
N ALA A 101 9.71 -33.61 -11.65
CA ALA A 101 10.69 -34.65 -11.31
C ALA A 101 10.19 -35.50 -10.15
N ILE A 102 9.37 -34.92 -9.26
CA ILE A 102 8.76 -35.56 -8.10
C ILE A 102 7.57 -36.40 -8.59
N LEU A 103 6.81 -35.87 -9.58
CA LEU A 103 5.66 -36.54 -10.19
C LEU A 103 6.10 -37.76 -11.03
N GLN A 104 7.32 -37.70 -11.63
CA GLN A 104 7.97 -38.73 -12.46
C GLN A 104 7.14 -39.11 -13.71
N ASP A 127 -1.46 -33.97 -17.39
CA ASP A 127 -1.44 -35.15 -16.52
C ASP A 127 -1.99 -34.83 -15.10
N PHE A 128 -1.11 -34.77 -14.06
CA PHE A 128 -1.50 -34.47 -12.67
C PHE A 128 -0.73 -33.31 -12.06
N VAL A 129 -1.34 -32.64 -11.05
CA VAL A 129 -0.79 -31.47 -10.37
C VAL A 129 -0.64 -31.66 -8.85
N LEU A 130 0.33 -30.95 -8.24
CA LEU A 130 0.62 -30.99 -6.80
C LEU A 130 0.03 -29.78 -6.04
N ARG A 131 -1.26 -29.85 -5.73
CA ARG A 131 -2.00 -28.81 -5.02
C ARG A 131 -1.71 -28.89 -3.51
N VAL A 132 -1.83 -27.76 -2.79
CA VAL A 132 -1.63 -27.70 -1.34
C VAL A 132 -2.95 -28.08 -0.66
N CYS A 133 -2.88 -28.84 0.44
CA CYS A 133 -4.03 -29.33 1.20
C CYS A 133 -4.81 -28.21 1.89
N GLY A 134 -6.06 -28.02 1.43
CA GLY A 134 -6.99 -27.01 1.92
C GLY A 134 -6.79 -25.64 1.31
N ARG A 135 -5.99 -25.58 0.23
CA ARG A 135 -5.66 -24.33 -0.46
C ARG A 135 -5.72 -24.46 -1.96
N ASP A 136 -6.08 -23.35 -2.63
CA ASP A 136 -6.10 -23.20 -4.08
C ASP A 136 -4.70 -22.66 -4.42
N GLU A 137 -3.67 -23.41 -3.96
CA GLU A 137 -2.26 -23.13 -4.09
C GLU A 137 -1.62 -24.34 -4.78
N TYR A 138 -0.80 -24.10 -5.81
CA TYR A 138 -0.20 -25.20 -6.58
C TYR A 138 1.31 -25.11 -6.66
N LEU A 139 1.97 -26.27 -6.79
CA LEU A 139 3.42 -26.42 -6.96
C LEU A 139 3.71 -26.80 -8.42
N VAL A 140 3.83 -25.77 -9.30
CA VAL A 140 4.05 -25.97 -10.73
C VAL A 140 5.11 -25.04 -11.35
N GLY A 141 5.46 -25.34 -12.61
CA GLY A 141 6.43 -24.59 -13.41
C GLY A 141 7.84 -25.10 -13.27
N GLU A 142 8.76 -24.51 -14.07
CA GLU A 142 10.19 -24.86 -14.05
C GLU A 142 10.88 -24.03 -12.96
N THR A 143 10.60 -24.41 -11.68
CA THR A 143 11.12 -23.75 -10.47
C THR A 143 11.56 -24.81 -9.43
N PRO A 144 12.73 -24.62 -8.76
CA PRO A 144 13.14 -25.57 -7.70
C PRO A 144 12.18 -25.49 -6.52
N ILE A 145 11.88 -26.63 -5.85
CA ILE A 145 10.94 -26.66 -4.73
C ILE A 145 11.37 -25.75 -3.59
N LYS A 146 12.70 -25.54 -3.37
CA LYS A 146 13.18 -24.61 -2.35
C LYS A 146 12.69 -23.16 -2.62
N ASN A 147 12.44 -22.84 -3.91
CA ASN A 147 12.02 -21.52 -4.37
C ASN A 147 10.48 -21.34 -4.47
N PHE A 148 9.72 -22.10 -3.67
CA PHE A 148 8.25 -21.98 -3.59
C PHE A 148 7.91 -21.27 -2.29
N GLN A 149 6.92 -20.36 -2.32
CA GLN A 149 6.57 -19.58 -1.14
C GLN A 149 5.81 -20.34 -0.06
N TRP A 150 5.21 -21.50 -0.40
CA TRP A 150 4.52 -22.35 0.56
C TRP A 150 5.53 -23.28 1.25
N VAL A 151 6.57 -23.73 0.51
CA VAL A 151 7.65 -24.61 1.00
C VAL A 151 8.50 -23.83 2.02
N ARG A 152 8.86 -22.58 1.68
CA ARG A 152 9.62 -21.67 2.55
C ARG A 152 8.83 -21.31 3.80
N HIS A 153 7.48 -21.14 3.67
CA HIS A 153 6.54 -20.81 4.75
C HIS A 153 6.49 -21.92 5.80
N CYS A 154 6.35 -23.18 5.35
CA CYS A 154 6.28 -24.39 6.20
C CYS A 154 7.59 -24.62 6.94
N LEU A 155 8.73 -24.46 6.25
CA LEU A 155 10.07 -24.61 6.82
C LEU A 155 10.33 -23.58 7.94
N LYS A 156 9.80 -22.34 7.76
CA LYS A 156 9.91 -21.23 8.70
C LYS A 156 9.08 -21.51 9.96
N ASN A 157 7.85 -22.02 9.76
CA ASN A 157 6.91 -22.35 10.83
C ASN A 157 7.12 -23.76 11.42
N GLY A 158 8.04 -24.53 10.83
CA GLY A 158 8.38 -25.88 11.26
C GLY A 158 7.27 -26.89 11.06
N GLU A 159 6.54 -26.76 9.94
CA GLU A 159 5.42 -27.62 9.55
C GLU A 159 5.81 -28.56 8.40
N GLU A 160 4.97 -29.58 8.16
CA GLU A 160 5.14 -30.59 7.09
C GLU A 160 4.54 -30.04 5.79
N ILE A 161 5.10 -30.44 4.63
CA ILE A 161 4.62 -29.98 3.32
C ILE A 161 3.55 -30.96 2.77
N HIS A 162 2.31 -30.79 3.24
CA HIS A 162 1.19 -31.62 2.82
C HIS A 162 0.67 -31.15 1.46
N VAL A 163 0.81 -32.02 0.45
CA VAL A 163 0.34 -31.79 -0.92
C VAL A 163 -0.62 -32.90 -1.37
N VAL A 164 -1.30 -32.71 -2.50
CA VAL A 164 -2.27 -33.66 -3.03
C VAL A 164 -2.12 -33.85 -4.56
N LEU A 165 -2.20 -35.11 -5.01
CA LEU A 165 -2.13 -35.44 -6.43
C LEU A 165 -3.49 -35.11 -7.07
N ASP A 166 -3.70 -33.82 -7.38
CA ASP A 166 -4.94 -33.28 -7.95
C ASP A 166 -4.85 -33.17 -9.48
N THR A 167 -5.97 -32.79 -10.11
CA THR A 167 -6.05 -32.61 -11.56
C THR A 167 -5.94 -31.10 -11.89
N PRO A 168 -5.03 -30.70 -12.83
CA PRO A 168 -4.90 -29.27 -13.19
C PRO A 168 -6.22 -28.58 -13.57
N PRO A 169 -6.50 -27.37 -13.00
CA PRO A 169 -7.77 -26.69 -13.31
C PRO A 169 -7.87 -26.23 -14.77
N ASP A 170 -9.09 -26.23 -15.27
CA ASP A 170 -9.41 -25.90 -16.64
C ASP A 170 -9.10 -24.44 -17.01
N PRO A 171 -8.18 -24.20 -17.97
CA PRO A 171 -7.90 -22.82 -18.40
C PRO A 171 -9.10 -22.20 -19.13
N ALA A 172 -10.13 -23.02 -19.42
CA ALA A 172 -11.38 -22.61 -20.05
C ALA A 172 -12.22 -21.80 -19.07
N LEU A 173 -11.98 -22.00 -17.76
CA LEU A 173 -12.69 -21.32 -16.67
C LEU A 173 -12.34 -19.83 -16.62
N ASP A 174 -11.15 -19.45 -17.11
CA ASP A 174 -10.61 -18.09 -17.16
C ASP A 174 -10.88 -17.36 -18.47
N GLU A 175 -11.81 -17.90 -19.30
CA GLU A 175 -12.11 -17.32 -20.60
C GLU A 175 -12.69 -15.91 -20.50
N VAL A 176 -12.01 -14.98 -21.20
CA VAL A 176 -12.31 -13.55 -21.23
C VAL A 176 -13.34 -13.27 -22.31
N ARG A 177 -14.41 -12.55 -21.91
CA ARG A 177 -15.52 -12.13 -22.77
C ARG A 177 -15.05 -11.04 -23.75
N LYS A 178 -15.43 -11.16 -25.04
CA LYS A 178 -15.15 -10.17 -26.09
C LYS A 178 -16.11 -10.32 -27.26
N VAL A 210 -2.87 25.19 -34.57
CA VAL A 210 -1.82 26.01 -33.98
C VAL A 210 -0.99 25.20 -32.94
N SER A 211 0.34 25.44 -32.92
CA SER A 211 1.28 24.79 -31.99
C SER A 211 1.37 25.60 -30.69
N LEU A 212 1.61 24.93 -29.56
CA LEU A 212 1.70 25.54 -28.23
C LEU A 212 2.93 26.41 -28.04
N TRP A 213 4.08 26.03 -28.63
CA TRP A 213 5.34 26.76 -28.51
C TRP A 213 5.44 28.00 -29.42
N ASP A 214 4.27 28.46 -29.94
CA ASP A 214 4.10 29.66 -30.79
C ASP A 214 3.10 30.65 -30.17
N CYS A 215 2.48 30.27 -29.02
CA CYS A 215 1.55 31.10 -28.27
C CYS A 215 2.35 31.80 -27.17
N ASP A 216 3.17 32.81 -27.57
CA ASP A 216 4.04 33.56 -26.66
C ASP A 216 3.28 34.57 -25.78
N ARG A 217 1.95 34.50 -25.80
CA ARG A 217 1.06 35.34 -24.98
C ARG A 217 1.09 34.87 -23.52
N LYS A 218 0.97 35.81 -22.56
CA LYS A 218 0.97 35.49 -21.13
C LYS A 218 -0.37 34.87 -20.76
N PHE A 219 -0.36 33.87 -19.85
CA PHE A 219 -1.57 33.15 -19.42
C PHE A 219 -2.41 33.97 -18.44
N ARG A 220 -3.76 33.85 -18.55
CA ARG A 220 -4.69 34.50 -17.63
C ARG A 220 -6.00 33.71 -17.41
N VAL A 221 -6.60 33.91 -16.22
CA VAL A 221 -7.85 33.29 -15.79
C VAL A 221 -8.80 34.35 -15.16
N LYS A 222 -10.07 34.37 -15.59
CA LYS A 222 -11.09 35.28 -15.10
C LYS A 222 -11.85 34.63 -13.94
N ILE A 223 -11.71 35.19 -12.74
CA ILE A 223 -12.44 34.72 -11.58
C ILE A 223 -13.79 35.44 -11.58
N ARG A 224 -14.83 34.74 -12.03
CA ARG A 224 -16.19 35.25 -12.14
C ARG A 224 -16.77 35.42 -10.75
N GLY A 225 -16.72 34.35 -9.96
CA GLY A 225 -17.21 34.35 -8.59
C GLY A 225 -17.28 33.00 -7.93
N ILE A 226 -17.86 32.96 -6.72
CA ILE A 226 -18.02 31.75 -5.92
C ILE A 226 -19.46 31.61 -5.40
N ASP A 227 -20.24 30.72 -6.03
CA ASP A 227 -21.60 30.48 -5.59
C ASP A 227 -21.60 29.38 -4.52
N ILE A 228 -22.08 29.73 -3.32
CA ILE A 228 -22.15 28.86 -2.15
C ILE A 228 -23.58 28.88 -1.52
N PRO A 229 -24.20 27.70 -1.23
CA PRO A 229 -25.55 27.69 -0.65
C PRO A 229 -25.70 28.30 0.76
N VAL A 230 -24.69 28.11 1.66
CA VAL A 230 -24.72 28.64 3.03
C VAL A 230 -23.58 29.66 3.25
N THR A 238 -14.96 38.39 5.38
CA THR A 238 -14.08 38.62 4.22
C THR A 238 -13.57 37.31 3.59
N VAL A 239 -13.36 37.31 2.26
CA VAL A 239 -12.90 36.14 1.49
C VAL A 239 -12.19 36.56 0.18
N PHE A 240 -11.23 35.74 -0.27
CA PHE A 240 -10.50 35.96 -1.53
C PHE A 240 -10.10 34.63 -2.18
N VAL A 241 -9.79 34.66 -3.47
CA VAL A 241 -9.39 33.47 -4.24
C VAL A 241 -7.87 33.49 -4.49
N GLU A 242 -7.21 32.35 -4.23
CA GLU A 242 -5.78 32.18 -4.47
C GLU A 242 -5.61 31.24 -5.68
N ALA A 243 -5.22 31.80 -6.84
CA ALA A 243 -5.01 31.05 -8.07
C ALA A 243 -3.55 30.72 -8.23
N ASN A 244 -3.25 29.42 -8.42
CA ASN A 244 -1.90 28.92 -8.56
C ASN A 244 -1.68 28.09 -9.79
N ILE A 245 -0.47 28.17 -10.34
CA ILE A 245 -0.05 27.31 -11.44
C ILE A 245 0.91 26.34 -10.77
N GLN A 246 0.56 25.05 -10.75
CA GLN A 246 1.35 24.02 -10.08
C GLN A 246 1.88 22.92 -10.99
N HIS A 247 3.03 22.38 -10.63
CA HIS A 247 3.70 21.26 -11.28
C HIS A 247 4.50 20.60 -10.17
N GLY A 248 4.03 19.42 -9.77
CA GLY A 248 4.58 18.67 -8.65
C GLY A 248 3.95 19.27 -7.40
N GLN A 249 4.80 19.69 -6.46
CA GLN A 249 4.36 20.37 -5.24
C GLN A 249 4.84 21.83 -5.34
N GLN A 250 5.64 22.10 -6.40
CA GLN A 250 6.25 23.37 -6.76
C GLN A 250 5.25 24.31 -7.43
N VAL A 251 4.87 25.39 -6.71
CA VAL A 251 4.00 26.45 -7.22
C VAL A 251 4.89 27.28 -8.13
N LEU A 252 4.46 27.48 -9.39
CA LEU A 252 5.21 28.24 -10.41
C LEU A 252 4.99 29.75 -10.27
N CYS A 253 3.71 30.18 -10.07
CA CYS A 253 3.30 31.57 -9.85
C CYS A 253 1.92 31.67 -9.21
N GLN A 254 1.82 32.54 -8.20
CA GLN A 254 0.63 32.83 -7.40
C GLN A 254 0.03 34.19 -7.75
N ARG A 255 -1.31 34.30 -7.62
CA ARG A 255 -2.13 35.50 -7.84
C ARG A 255 -3.37 35.42 -6.95
N ARG A 256 -3.69 36.53 -6.27
CA ARG A 256 -4.86 36.63 -5.39
C ARG A 256 -5.85 37.64 -5.97
N THR A 257 -7.14 37.55 -5.58
CA THR A 257 -8.14 38.54 -5.98
C THR A 257 -8.33 39.49 -4.78
N SER A 258 -8.96 40.67 -5.00
CA SER A 258 -9.21 41.63 -3.93
C SER A 258 -10.19 41.03 -2.90
N PRO A 259 -9.96 41.23 -1.57
CA PRO A 259 -10.90 40.67 -0.59
C PRO A 259 -12.28 41.31 -0.68
N LYS A 260 -13.34 40.49 -0.55
CA LYS A 260 -14.74 40.92 -0.61
C LYS A 260 -15.56 40.30 0.54
N PRO A 261 -16.69 40.90 1.00
CA PRO A 261 -17.45 40.29 2.12
C PRO A 261 -17.97 38.89 1.79
N PHE A 262 -17.85 37.94 2.74
CA PHE A 262 -18.30 36.55 2.53
C PHE A 262 -19.85 36.41 2.55
N THR A 263 -20.45 36.24 1.35
CA THR A 263 -21.89 36.09 1.14
C THR A 263 -22.22 34.93 0.19
N GLU A 264 -23.51 34.50 0.17
CA GLU A 264 -24.12 33.44 -0.66
C GLU A 264 -23.59 33.37 -2.11
N GLU A 265 -23.14 34.52 -2.62
CA GLU A 265 -22.58 34.71 -3.96
C GLU A 265 -21.62 35.88 -3.87
N VAL A 266 -20.41 35.73 -4.44
CA VAL A 266 -19.40 36.79 -4.46
C VAL A 266 -18.81 36.87 -5.86
N LEU A 267 -19.23 37.89 -6.64
CA LEU A 267 -18.68 38.12 -7.99
C LEU A 267 -17.43 39.00 -7.97
N TRP A 268 -16.59 38.89 -9.00
CA TRP A 268 -15.37 39.67 -9.18
C TRP A 268 -15.25 40.08 -10.65
N ASN A 269 -15.44 39.10 -11.57
CA ASN A 269 -15.36 39.22 -13.03
C ASN A 269 -14.00 39.77 -13.51
N VAL A 270 -12.97 39.68 -12.63
CA VAL A 270 -11.60 40.18 -12.86
C VAL A 270 -10.68 39.12 -13.41
N TRP A 271 -9.76 39.53 -14.29
CA TRP A 271 -8.76 38.66 -14.89
C TRP A 271 -7.50 38.66 -14.03
N LEU A 272 -6.92 37.47 -13.80
CA LEU A 272 -5.67 37.34 -13.06
C LEU A 272 -4.60 36.98 -14.08
N GLU A 273 -3.80 37.99 -14.49
CA GLU A 273 -2.73 37.80 -15.45
C GLU A 273 -1.50 37.23 -14.73
N PHE A 274 -0.96 36.12 -15.22
CA PHE A 274 0.20 35.44 -14.63
C PHE A 274 1.51 35.77 -15.35
N SER A 275 2.64 35.58 -14.64
CA SER A 275 4.01 35.78 -15.14
C SER A 275 4.40 34.78 -16.23
N ILE A 276 3.89 33.52 -16.13
CA ILE A 276 4.20 32.43 -17.08
C ILE A 276 3.38 32.54 -18.38
N LYS A 277 3.99 32.11 -19.49
CA LYS A 277 3.40 32.13 -20.83
C LYS A 277 2.75 30.78 -21.16
N ILE A 278 1.91 30.74 -22.20
CA ILE A 278 1.23 29.53 -22.66
C ILE A 278 2.28 28.49 -23.07
N LYS A 279 3.22 28.88 -23.95
CA LYS A 279 4.35 28.08 -24.45
C LYS A 279 5.08 27.35 -23.31
N ASP A 280 5.31 28.06 -22.18
CA ASP A 280 6.03 27.59 -20.99
C ASP A 280 5.20 26.75 -20.00
N LEU A 281 3.89 26.55 -20.25
CA LEU A 281 3.06 25.67 -19.42
C LEU A 281 3.49 24.23 -19.64
N PRO A 282 3.87 23.46 -18.57
CA PRO A 282 4.32 22.07 -18.80
C PRO A 282 3.17 21.05 -18.78
N LYS A 283 3.31 19.93 -19.52
CA LYS A 283 2.31 18.86 -19.52
C LYS A 283 2.25 18.30 -18.09
N GLY A 284 1.13 18.55 -17.43
CA GLY A 284 0.89 18.17 -16.05
C GLY A 284 0.52 19.35 -15.20
N ALA A 285 0.57 20.57 -15.78
CA ALA A 285 0.25 21.85 -15.12
C ALA A 285 -1.15 21.86 -14.53
N LEU A 286 -1.30 22.56 -13.40
CA LEU A 286 -2.55 22.64 -12.65
C LEU A 286 -2.95 24.05 -12.22
N LEU A 287 -4.19 24.45 -12.54
CA LEU A 287 -4.75 25.70 -12.06
C LEU A 287 -5.46 25.27 -10.80
N ASN A 288 -4.83 25.57 -9.67
CA ASN A 288 -5.34 25.22 -8.36
C ASN A 288 -5.97 26.45 -7.77
N LEU A 289 -7.30 26.43 -7.60
CA LEU A 289 -8.04 27.55 -7.02
C LEU A 289 -8.30 27.26 -5.53
N GLN A 290 -8.01 28.23 -4.66
CA GLN A 290 -8.20 28.07 -3.22
C GLN A 290 -8.97 29.25 -2.61
N ILE A 291 -9.86 28.96 -1.64
CA ILE A 291 -10.70 29.97 -0.99
C ILE A 291 -10.23 30.20 0.44
N TYR A 292 -9.66 31.40 0.68
CA TYR A 292 -9.13 31.84 1.96
C TYR A 292 -10.04 32.88 2.59
N CYS A 293 -10.32 32.76 3.89
CA CYS A 293 -11.16 33.74 4.59
C CYS A 293 -10.41 34.47 5.70
N GLN A 317 -7.07 29.50 7.90
CA GLN A 317 -7.52 30.53 6.97
C GLN A 317 -7.99 29.95 5.64
N LEU A 318 -7.44 28.77 5.23
CA LEU A 318 -7.85 28.07 4.00
C LEU A 318 -9.14 27.30 4.30
N LEU A 319 -10.13 27.36 3.39
CA LEU A 319 -11.40 26.67 3.61
C LEU A 319 -11.87 25.77 2.47
N TYR A 320 -11.53 26.09 1.21
CA TYR A 320 -11.97 25.32 0.03
C TYR A 320 -10.88 25.25 -1.01
N TYR A 321 -10.82 24.14 -1.74
CA TYR A 321 -9.84 23.96 -2.82
C TYR A 321 -10.42 23.19 -4.00
N VAL A 322 -9.89 23.45 -5.21
CA VAL A 322 -10.25 22.77 -6.45
C VAL A 322 -9.08 22.86 -7.46
N ASN A 323 -8.99 21.89 -8.39
CA ASN A 323 -7.91 21.82 -9.38
C ASN A 323 -8.42 21.56 -10.79
N LEU A 324 -7.66 22.05 -11.77
CA LEU A 324 -7.97 21.94 -13.18
C LEU A 324 -6.68 21.84 -13.96
N LEU A 325 -6.48 20.71 -14.66
CA LEU A 325 -5.28 20.50 -15.47
C LEU A 325 -5.31 21.48 -16.63
N LEU A 326 -4.32 22.37 -16.71
CA LEU A 326 -4.26 23.38 -17.77
C LEU A 326 -4.01 22.76 -19.13
N ILE A 327 -3.23 21.66 -19.18
CA ILE A 327 -3.03 20.87 -20.41
C ILE A 327 -3.92 19.64 -20.20
N ASP A 328 -4.79 19.33 -21.15
CA ASP A 328 -5.67 18.18 -21.02
C ASP A 328 -4.96 16.91 -21.54
N HIS A 329 -5.65 15.75 -21.43
CA HIS A 329 -5.22 14.42 -21.84
C HIS A 329 -4.87 14.28 -23.32
N ARG A 330 -5.59 15.05 -24.19
CA ARG A 330 -5.36 15.08 -25.63
C ARG A 330 -4.35 16.19 -26.01
N PHE A 331 -3.44 16.55 -25.06
CA PHE A 331 -2.37 17.57 -25.17
C PHE A 331 -2.88 18.98 -25.46
N LEU A 332 -4.17 19.26 -25.22
CA LEU A 332 -4.75 20.58 -25.51
C LEU A 332 -4.95 21.46 -24.28
N LEU A 333 -4.55 22.74 -24.38
CA LEU A 333 -4.73 23.73 -23.31
C LEU A 333 -6.23 23.96 -23.10
N ARG A 334 -6.67 24.05 -21.82
CA ARG A 334 -8.07 24.25 -21.44
C ARG A 334 -8.65 25.59 -21.88
N ARG A 335 -9.86 25.53 -22.45
CA ARG A 335 -10.60 26.67 -22.99
C ARG A 335 -12.06 26.61 -22.57
N GLY A 336 -12.68 27.78 -22.44
CA GLY A 336 -14.09 27.89 -22.10
C GLY A 336 -14.39 28.14 -20.64
N GLU A 337 -15.68 28.15 -20.31
CA GLU A 337 -16.19 28.38 -18.96
C GLU A 337 -16.22 27.06 -18.17
N TYR A 338 -15.88 27.13 -16.85
CA TYR A 338 -15.87 25.98 -15.96
C TYR A 338 -16.41 26.34 -14.59
N VAL A 339 -17.39 25.55 -14.12
CA VAL A 339 -17.97 25.69 -12.78
C VAL A 339 -17.40 24.51 -12.01
N LEU A 340 -16.64 24.79 -10.93
CA LEU A 340 -15.95 23.74 -10.18
C LEU A 340 -16.34 23.68 -8.71
N HIS A 341 -16.98 22.56 -8.33
CA HIS A 341 -17.42 22.29 -6.98
C HIS A 341 -16.21 21.88 -6.15
N MET A 342 -16.00 22.62 -5.07
CA MET A 342 -14.81 22.59 -4.24
C MET A 342 -14.86 21.69 -3.03
N TRP A 343 -13.70 21.07 -2.75
CA TRP A 343 -13.44 20.21 -1.61
C TRP A 343 -13.14 21.11 -0.42
N GLN A 344 -13.75 20.80 0.75
CA GLN A 344 -13.58 21.57 1.99
C GLN A 344 -12.33 21.09 2.75
N ILE A 345 -12.02 21.70 3.91
CA ILE A 345 -10.88 21.29 4.73
C ILE A 345 -11.35 20.87 6.14
N SER A 346 -10.80 19.72 6.64
CA SER A 346 -11.03 19.09 7.95
C SER A 346 -12.46 19.16 8.49
N PHE A 355 1.37 18.31 1.20
CA PHE A 355 0.66 18.21 2.46
C PHE A 355 -0.14 16.90 2.55
N ASN A 356 -1.13 16.73 1.63
CA ASN A 356 -2.07 15.61 1.54
C ASN A 356 -2.31 15.30 0.07
N ALA A 357 -2.44 14.01 -0.27
CA ALA A 357 -2.67 13.53 -1.65
C ALA A 357 -4.03 13.97 -2.17
N ASP A 358 -5.03 14.11 -1.29
CA ASP A 358 -6.38 14.59 -1.61
C ASP A 358 -6.36 16.03 -2.14
N LYS A 359 -5.37 16.83 -1.75
CA LYS A 359 -5.24 18.23 -2.15
C LYS A 359 -4.63 18.44 -3.56
N LEU A 360 -4.34 17.33 -4.28
CA LEU A 360 -3.74 17.32 -5.64
C LEU A 360 -4.74 16.82 -6.70
N THR A 361 -5.90 16.28 -6.26
CA THR A 361 -6.92 15.64 -7.12
C THR A 361 -7.48 16.57 -8.17
N SER A 362 -7.63 16.05 -9.40
CA SER A 362 -8.16 16.80 -10.53
C SER A 362 -9.70 16.73 -10.59
N ALA A 363 -10.29 15.85 -9.79
CA ALA A 363 -11.73 15.62 -9.71
C ALA A 363 -12.39 16.71 -8.90
N THR A 364 -13.62 17.07 -9.32
CA THR A 364 -14.48 18.06 -8.68
C THR A 364 -15.31 17.37 -7.60
N ASN A 365 -15.82 18.13 -6.60
CA ASN A 365 -16.63 17.56 -5.52
C ASN A 365 -17.98 17.03 -6.09
N PRO A 366 -18.34 15.73 -5.89
CA PRO A 366 -19.62 15.22 -6.45
C PRO A 366 -20.87 15.87 -5.87
N ASP A 367 -20.83 16.25 -4.57
CA ASP A 367 -21.89 16.96 -3.87
C ASP A 367 -22.01 18.34 -4.54
N LYS A 368 -23.24 18.76 -4.89
CA LYS A 368 -23.45 20.03 -5.59
C LYS A 368 -24.41 20.94 -4.84
N GLU A 369 -25.40 20.35 -4.18
CA GLU A 369 -26.39 21.09 -3.40
C GLU A 369 -25.81 21.67 -2.11
N ASN A 370 -24.67 21.14 -1.64
CA ASN A 370 -24.01 21.56 -0.40
C ASN A 370 -22.60 22.10 -0.59
N SER A 371 -21.97 21.81 -1.73
CA SER A 371 -20.61 22.25 -2.00
C SER A 371 -20.53 23.70 -2.47
N MET A 372 -19.34 24.28 -2.37
CA MET A 372 -18.96 25.61 -2.81
C MET A 372 -18.52 25.48 -4.26
N SER A 373 -18.88 26.42 -5.13
CA SER A 373 -18.46 26.35 -6.52
C SER A 373 -17.57 27.53 -6.88
N ILE A 374 -17.06 27.55 -8.14
CA ILE A 374 -16.23 28.60 -8.70
C ILE A 374 -16.41 28.67 -10.22
N SER A 375 -16.92 29.82 -10.71
CA SER A 375 -17.07 30.03 -12.15
C SER A 375 -15.81 30.74 -12.61
N ILE A 376 -15.14 30.18 -13.63
CA ILE A 376 -13.90 30.70 -14.19
C ILE A 376 -13.92 30.69 -15.72
N LEU A 377 -13.22 31.64 -16.37
CA LEU A 377 -13.16 31.70 -17.82
C LEU A 377 -11.76 31.49 -18.33
N LEU A 378 -11.61 30.63 -19.36
CA LEU A 378 -10.32 30.33 -19.98
C LEU A 378 -10.35 30.64 -21.48
N ASP A 379 -9.42 31.53 -21.91
CA ASP A 379 -9.26 32.10 -23.26
C ASP A 379 -9.24 31.06 -24.39
N ASN A 380 -10.29 31.14 -25.24
CA ASN A 380 -10.53 30.26 -26.39
C ASN A 380 -10.10 30.87 -27.72
N TYR A 381 -9.56 30.01 -28.60
CA TYR A 381 -9.08 30.40 -29.93
C TYR A 381 -9.77 29.56 -31.02
N CYS A 382 -9.76 30.07 -32.28
CA CYS A 382 -10.36 29.46 -33.49
C CYS A 382 -9.66 28.13 -33.85
N HIS A 383 -8.31 28.09 -33.71
CA HIS A 383 -7.47 26.93 -33.97
C HIS A 383 -7.05 26.24 -32.65
N PRO A 384 -7.10 24.89 -32.55
CA PRO A 384 -6.75 24.23 -31.27
C PRO A 384 -5.27 24.32 -30.91
N ILE A 385 -4.99 24.81 -29.68
CA ILE A 385 -3.63 24.97 -29.13
C ILE A 385 -3.12 23.58 -28.69
N ALA A 386 -2.12 23.02 -29.42
CA ALA A 386 -1.57 21.70 -29.15
C ALA A 386 -0.07 21.70 -28.82
N LEU A 387 0.31 21.01 -27.73
CA LEU A 387 1.69 20.88 -27.23
C LEU A 387 2.57 19.92 -28.07
N PRO A 388 3.72 20.40 -28.62
CA PRO A 388 4.59 19.52 -29.40
C PRO A 388 5.57 18.70 -28.55
N LYS A 389 6.21 17.68 -29.17
CA LYS A 389 7.17 16.78 -28.52
C LYS A 389 8.62 17.22 -28.77
N ARG A 402 30.97 16.78 -22.95
CA ARG A 402 31.41 18.17 -22.77
C ARG A 402 32.53 18.29 -21.71
N ALA A 403 32.58 19.40 -20.95
CA ALA A 403 33.57 19.63 -19.90
C ALA A 403 33.31 18.70 -18.70
N GLU A 404 34.37 18.30 -17.96
CA GLU A 404 34.22 17.41 -16.80
C GLU A 404 33.62 18.16 -15.58
N MET A 405 34.39 18.26 -14.48
CA MET A 405 34.00 18.88 -13.22
C MET A 405 35.20 18.90 -12.28
N PRO A 406 35.52 20.04 -11.63
CA PRO A 406 36.68 20.08 -10.74
C PRO A 406 36.43 19.32 -9.44
N ASN A 407 37.49 18.70 -8.91
CA ASN A 407 37.57 17.87 -7.70
C ASN A 407 36.75 18.38 -6.50
N GLN A 408 36.66 19.71 -6.30
CA GLN A 408 35.92 20.33 -5.20
C GLN A 408 34.42 20.40 -5.46
N LEU A 409 34.02 20.80 -6.68
CA LEU A 409 32.60 20.88 -7.07
C LEU A 409 32.02 19.49 -7.22
N ARG A 410 32.89 18.48 -7.39
CA ARG A 410 32.52 17.07 -7.48
C ARG A 410 32.11 16.59 -6.08
N LYS A 411 32.93 16.91 -5.06
CA LYS A 411 32.74 16.60 -3.63
C LYS A 411 31.47 17.28 -3.10
N GLN A 412 31.19 18.52 -3.55
CA GLN A 412 30.00 19.30 -3.18
C GLN A 412 28.73 18.61 -3.70
N LEU A 413 28.77 18.14 -4.98
CA LEU A 413 27.67 17.44 -5.65
C LEU A 413 27.45 16.08 -5.04
N GLU A 414 28.54 15.36 -4.69
CA GLU A 414 28.51 14.03 -4.08
C GLU A 414 27.80 14.02 -2.73
N ALA A 415 28.00 15.09 -1.93
CA ALA A 415 27.36 15.29 -0.63
C ALA A 415 25.87 15.53 -0.79
N ILE A 416 25.46 16.22 -1.88
CA ILE A 416 24.05 16.49 -2.22
C ILE A 416 23.33 15.19 -2.54
N ILE A 417 23.94 14.32 -3.36
CA ILE A 417 23.36 13.02 -3.76
C ILE A 417 23.19 12.06 -2.57
N ALA A 418 24.24 11.98 -1.71
CA ALA A 418 24.30 11.09 -0.56
C ALA A 418 23.31 11.41 0.58
N THR A 419 22.75 12.64 0.63
CA THR A 419 21.80 13.02 1.69
C THR A 419 20.44 12.28 1.56
N ASP A 420 19.60 12.36 2.61
CA ASP A 420 18.29 11.74 2.68
C ASP A 420 17.26 12.40 1.74
N PRO A 421 16.18 11.69 1.30
CA PRO A 421 15.20 12.33 0.39
C PRO A 421 14.48 13.55 0.97
N LEU A 422 14.15 13.52 2.27
CA LEU A 422 13.46 14.61 2.97
C LEU A 422 14.28 15.90 3.10
N ASN A 423 15.61 15.82 2.91
CA ASN A 423 16.51 16.98 3.00
C ASN A 423 16.28 17.91 1.81
N PRO A 424 15.74 19.14 2.02
CA PRO A 424 15.46 20.03 0.87
C PRO A 424 16.71 20.69 0.32
N LEU A 425 16.70 20.92 -1.02
CA LEU A 425 17.81 21.52 -1.75
C LEU A 425 17.69 23.04 -1.73
N THR A 426 18.83 23.74 -1.59
CA THR A 426 18.89 25.21 -1.61
C THR A 426 18.82 25.67 -3.08
N ALA A 427 18.91 27.00 -3.31
CA ALA A 427 18.93 27.56 -4.66
C ALA A 427 20.26 27.21 -5.33
N GLU A 428 21.35 27.14 -4.52
CA GLU A 428 22.69 26.79 -5.01
C GLU A 428 22.75 25.30 -5.36
N ASP A 429 22.15 24.43 -4.52
CA ASP A 429 22.10 22.97 -4.74
C ASP A 429 21.43 22.67 -6.08
N LYS A 430 20.32 23.36 -6.37
CA LYS A 430 19.53 23.26 -7.60
C LYS A 430 20.32 23.70 -8.87
N GLU A 431 21.09 24.80 -8.77
CA GLU A 431 21.91 25.30 -9.87
C GLU A 431 23.09 24.36 -10.12
N LEU A 432 23.79 23.94 -9.03
CA LEU A 432 24.93 23.00 -9.02
C LEU A 432 24.57 21.70 -9.78
N LEU A 433 23.42 21.07 -9.39
CA LEU A 433 22.85 19.86 -9.95
C LEU A 433 22.40 20.04 -11.40
N TRP A 434 21.77 21.17 -11.75
CA TRP A 434 21.31 21.42 -13.12
C TRP A 434 22.45 21.68 -14.11
N HIS A 435 23.41 22.55 -13.76
CA HIS A 435 24.55 22.88 -14.62
C HIS A 435 25.33 21.62 -15.00
N PHE A 436 25.56 20.73 -14.01
CA PHE A 436 26.32 19.49 -14.15
C PHE A 436 25.42 18.25 -14.26
N ARG A 437 24.25 18.43 -14.91
CA ARG A 437 23.24 17.40 -15.15
C ARG A 437 23.78 16.19 -15.87
N TYR A 438 24.77 16.39 -16.75
CA TYR A 438 25.39 15.30 -17.52
C TYR A 438 26.25 14.43 -16.64
N GLU A 439 26.84 14.99 -15.56
CA GLU A 439 27.60 14.20 -14.60
C GLU A 439 26.62 13.51 -13.66
N SER A 440 25.67 14.28 -13.11
CA SER A 440 24.60 13.84 -12.20
C SER A 440 23.75 12.73 -12.79
N LEU A 441 23.77 12.58 -14.13
CA LEU A 441 23.05 11.54 -14.86
C LEU A 441 23.75 10.20 -14.72
N LYS A 442 25.07 10.20 -14.41
CA LYS A 442 25.87 8.98 -14.23
C LYS A 442 25.80 8.41 -12.80
N HIS A 443 24.87 8.93 -11.97
CA HIS A 443 24.62 8.50 -10.58
C HIS A 443 23.11 8.34 -10.40
N PRO A 444 22.52 7.12 -10.58
CA PRO A 444 21.05 6.96 -10.43
C PRO A 444 20.45 7.53 -9.15
N LYS A 445 21.23 7.57 -8.06
CA LYS A 445 20.80 8.09 -6.76
C LYS A 445 20.53 9.61 -6.74
N ALA A 446 21.05 10.34 -7.74
CA ALA A 446 20.88 11.79 -7.86
C ALA A 446 19.61 12.18 -8.60
N TYR A 447 19.00 11.25 -9.34
CA TYR A 447 17.85 11.52 -10.18
C TYR A 447 16.71 12.26 -9.46
N PRO A 448 16.07 11.74 -8.37
CA PRO A 448 15.03 12.54 -7.70
C PRO A 448 15.45 13.98 -7.41
N LYS A 449 16.63 14.18 -6.77
CA LYS A 449 17.15 15.52 -6.46
C LYS A 449 17.42 16.35 -7.71
N LEU A 450 17.88 15.71 -8.80
CA LEU A 450 18.17 16.39 -10.08
C LEU A 450 16.88 16.82 -10.77
N PHE A 451 15.85 15.96 -10.75
CA PHE A 451 14.58 16.28 -11.39
C PHE A 451 13.76 17.32 -10.62
N SER A 452 14.18 17.62 -9.37
CA SER A 452 13.59 18.69 -8.54
C SER A 452 14.25 19.99 -8.95
N SER A 453 15.55 19.96 -9.27
CA SER A 453 16.37 21.10 -9.67
C SER A 453 15.97 21.77 -11.00
N VAL A 454 15.25 21.03 -11.89
CA VAL A 454 14.80 21.54 -13.19
C VAL A 454 13.60 22.48 -13.05
N LYS A 455 13.66 23.63 -13.78
CA LYS A 455 12.61 24.65 -13.86
C LYS A 455 11.57 24.18 -14.89
N TRP A 456 10.52 23.51 -14.39
CA TRP A 456 9.43 22.93 -15.19
C TRP A 456 8.54 24.00 -15.84
N GLY A 457 8.57 25.23 -15.31
CA GLY A 457 7.82 26.35 -15.87
C GLY A 457 8.59 27.12 -16.93
N GLN A 458 9.47 26.41 -17.70
CA GLN A 458 10.32 26.95 -18.76
C GLN A 458 10.52 25.90 -19.86
N GLN A 459 9.69 25.95 -20.91
CA GLN A 459 9.65 25.06 -22.09
C GLN A 459 11.04 24.58 -22.55
N GLU A 460 12.03 25.47 -22.49
CA GLU A 460 13.41 25.23 -22.91
C GLU A 460 14.13 24.31 -21.94
N ILE A 461 14.10 24.63 -20.61
CA ILE A 461 14.72 23.82 -19.55
C ILE A 461 14.08 22.41 -19.53
N VAL A 462 12.77 22.32 -19.83
CA VAL A 462 12.04 21.04 -19.89
C VAL A 462 12.57 20.22 -21.06
N ALA A 463 12.71 20.88 -22.23
CA ALA A 463 13.19 20.26 -23.47
C ALA A 463 14.63 19.76 -23.32
N LYS A 464 15.42 20.48 -22.49
CA LYS A 464 16.82 20.16 -22.17
C LYS A 464 16.89 18.86 -21.36
N THR A 465 15.90 18.65 -20.46
CA THR A 465 15.78 17.45 -19.62
C THR A 465 15.31 16.27 -20.47
N TYR A 466 14.27 16.48 -21.28
CA TYR A 466 13.70 15.47 -22.18
C TYR A 466 14.78 14.84 -23.08
N GLN A 467 15.72 15.65 -23.59
CA GLN A 467 16.83 15.20 -24.44
C GLN A 467 18.00 14.63 -23.62
N LEU A 468 18.10 15.02 -22.33
CA LEU A 468 19.10 14.54 -21.36
C LEU A 468 18.71 13.10 -21.01
N LEU A 469 17.40 12.87 -20.88
CA LEU A 469 16.82 11.58 -20.55
C LEU A 469 17.03 10.53 -21.63
N ALA A 470 17.30 10.97 -22.89
CA ALA A 470 17.62 10.08 -24.02
C ALA A 470 19.00 9.41 -23.86
N ARG A 471 19.79 9.86 -22.86
CA ARG A 471 21.12 9.31 -22.52
C ARG A 471 20.98 8.39 -21.31
N ARG A 472 19.92 7.57 -21.31
CA ARG A 472 19.55 6.62 -20.25
C ARG A 472 20.37 5.33 -20.22
N GLU A 473 21.49 5.25 -20.97
CA GLU A 473 22.38 4.08 -21.02
C GLU A 473 22.82 3.67 -19.60
N VAL A 474 23.01 4.67 -18.71
CA VAL A 474 23.43 4.51 -17.32
C VAL A 474 22.24 4.12 -16.38
N TRP A 475 21.06 4.78 -16.52
CA TRP A 475 19.87 4.49 -15.69
C TRP A 475 19.36 3.07 -15.92
N ASP A 476 19.27 2.65 -17.19
CA ASP A 476 18.81 1.34 -17.62
C ASP A 476 19.67 0.19 -17.11
N GLN A 477 20.98 0.31 -17.24
CA GLN A 477 21.95 -0.71 -16.87
C GLN A 477 22.14 -0.87 -15.35
N SER A 478 21.59 0.06 -14.56
CA SER A 478 21.70 0.08 -13.10
C SER A 478 20.95 -1.04 -12.39
N ALA A 479 21.41 -1.40 -11.18
CA ALA A 479 20.77 -2.41 -10.35
C ALA A 479 19.53 -1.75 -9.77
N LEU A 480 18.40 -2.46 -9.83
CA LEU A 480 17.09 -2.02 -9.37
C LEU A 480 17.08 -1.57 -7.90
N ASP A 481 16.50 -0.39 -7.67
CA ASP A 481 16.37 0.25 -6.37
C ASP A 481 14.91 0.70 -6.26
N VAL A 482 14.15 0.09 -5.32
CA VAL A 482 12.74 0.42 -5.11
C VAL A 482 12.64 1.81 -4.51
N GLY A 483 13.64 2.18 -3.70
CA GLY A 483 13.78 3.50 -3.09
C GLY A 483 13.58 4.65 -4.05
N LEU A 484 14.49 4.77 -5.06
CA LEU A 484 14.41 5.85 -6.06
C LEU A 484 13.18 5.70 -6.94
N THR A 485 12.86 4.47 -7.31
CA THR A 485 11.69 4.22 -8.16
C THR A 485 10.42 4.79 -7.48
N MET A 486 10.23 4.53 -6.15
CA MET A 486 9.12 5.07 -5.36
C MET A 486 9.28 6.60 -5.24
N GLN A 487 10.54 7.10 -5.12
CA GLN A 487 10.82 8.53 -5.01
C GLN A 487 10.31 9.31 -6.20
N LEU A 488 10.55 8.82 -7.44
CA LEU A 488 10.10 9.50 -8.68
C LEU A 488 8.60 9.36 -8.95
N LEU A 489 7.89 8.59 -8.14
CA LEU A 489 6.45 8.40 -8.33
C LEU A 489 5.61 9.19 -7.31
N ASP A 490 6.25 10.00 -6.43
CA ASP A 490 5.54 10.77 -5.40
C ASP A 490 5.00 12.10 -5.91
N CYS A 491 4.37 12.89 -5.01
CA CYS A 491 3.76 14.20 -5.25
C CYS A 491 4.71 15.21 -5.90
N ASN A 492 6.01 15.15 -5.55
CA ASN A 492 7.03 16.07 -6.03
C ASN A 492 7.33 15.95 -7.52
N PHE A 493 6.96 14.82 -8.16
CA PHE A 493 7.22 14.61 -9.60
C PHE A 493 5.92 14.48 -10.40
N SER A 494 5.62 15.50 -11.23
CA SER A 494 4.42 15.60 -12.06
C SER A 494 4.69 15.34 -13.56
N ASP A 495 5.99 15.30 -13.96
CA ASP A 495 6.39 15.08 -15.33
C ASP A 495 6.09 13.66 -15.77
N GLU A 496 5.40 13.51 -16.92
CA GLU A 496 5.03 12.21 -17.48
C GLU A 496 6.23 11.35 -17.87
N ASN A 497 7.29 11.97 -18.39
CA ASN A 497 8.50 11.27 -18.81
C ASN A 497 9.31 10.74 -17.65
N VAL A 498 9.69 11.59 -16.69
CA VAL A 498 10.47 11.20 -15.49
C VAL A 498 9.82 10.01 -14.75
N ARG A 499 8.51 10.12 -14.50
CA ARG A 499 7.69 9.12 -13.82
C ARG A 499 7.75 7.79 -14.54
N ALA A 500 7.71 7.81 -15.89
CA ALA A 500 7.79 6.61 -16.75
C ALA A 500 9.15 5.92 -16.73
N ILE A 501 10.23 6.65 -16.37
CA ILE A 501 11.57 6.05 -16.23
C ILE A 501 11.56 5.22 -14.95
N ALA A 502 10.76 5.64 -13.94
CA ALA A 502 10.62 4.92 -12.68
C ALA A 502 9.74 3.69 -12.94
N VAL A 503 8.60 3.88 -13.66
CA VAL A 503 7.70 2.79 -14.02
C VAL A 503 8.43 1.74 -14.91
N GLN A 504 9.42 2.16 -15.74
CA GLN A 504 10.19 1.21 -16.58
C GLN A 504 11.03 0.24 -15.74
N LYS A 505 11.53 0.68 -14.56
CA LYS A 505 12.30 -0.15 -13.65
C LYS A 505 11.42 -1.13 -12.90
N LEU A 506 10.13 -0.76 -12.68
CA LEU A 506 9.16 -1.63 -12.00
C LEU A 506 8.89 -2.92 -12.80
N GLU A 507 9.29 -2.97 -14.07
CA GLU A 507 9.15 -4.15 -14.93
C GLU A 507 10.13 -5.26 -14.54
N SER A 508 11.27 -4.90 -13.85
CA SER A 508 12.30 -5.84 -13.40
C SER A 508 11.77 -6.71 -12.27
N LEU A 509 10.90 -6.11 -11.42
CA LEU A 509 10.23 -6.71 -10.27
C LEU A 509 9.49 -7.99 -10.66
N GLU A 510 9.80 -9.10 -9.98
CA GLU A 510 9.09 -10.37 -10.22
C GLU A 510 7.85 -10.36 -9.32
N ASP A 511 6.80 -11.12 -9.70
CA ASP A 511 5.51 -11.18 -9.00
C ASP A 511 5.59 -11.18 -7.46
N ASP A 512 6.67 -11.75 -6.87
CA ASP A 512 6.84 -11.77 -5.41
C ASP A 512 7.05 -10.39 -4.84
N ASP A 513 7.83 -9.55 -5.52
CA ASP A 513 8.15 -8.20 -5.09
C ASP A 513 7.07 -7.22 -5.41
N VAL A 514 6.38 -7.39 -6.55
CA VAL A 514 5.24 -6.56 -6.95
C VAL A 514 4.22 -6.61 -5.80
N LEU A 515 4.05 -7.80 -5.17
CA LEU A 515 3.17 -8.03 -4.03
C LEU A 515 3.58 -7.26 -2.77
N HIS A 516 4.90 -7.11 -2.54
CA HIS A 516 5.44 -6.38 -1.38
C HIS A 516 5.14 -4.90 -1.47
N TYR A 517 5.02 -4.36 -2.70
CA TYR A 517 4.76 -2.94 -2.91
C TYR A 517 3.46 -2.64 -3.64
N LEU A 518 2.56 -3.62 -3.80
CA LEU A 518 1.33 -3.37 -4.55
C LEU A 518 0.51 -2.24 -3.97
N LEU A 519 0.33 -2.24 -2.65
CA LEU A 519 -0.43 -1.21 -1.96
C LEU A 519 0.22 0.16 -2.11
N GLN A 520 1.54 0.25 -1.87
CA GLN A 520 2.27 1.51 -1.99
C GLN A 520 2.30 2.04 -3.43
N LEU A 521 2.30 1.14 -4.44
CA LEU A 521 2.21 1.53 -5.86
C LEU A 521 0.78 1.99 -6.22
N VAL A 522 -0.24 1.30 -5.70
CA VAL A 522 -1.64 1.72 -5.88
C VAL A 522 -1.86 3.17 -5.31
N GLN A 523 -1.26 3.49 -4.15
CA GLN A 523 -1.35 4.83 -3.54
C GLN A 523 -0.66 5.85 -4.42
N ALA A 524 0.54 5.55 -4.93
CA ALA A 524 1.33 6.41 -5.80
C ALA A 524 0.61 6.91 -7.05
N VAL A 525 -0.46 6.21 -7.49
CA VAL A 525 -1.33 6.58 -8.62
C VAL A 525 -2.08 7.89 -8.28
N LYS A 526 -2.20 8.23 -7.00
CA LYS A 526 -2.84 9.46 -6.55
C LYS A 526 -2.03 10.70 -6.97
N PHE A 527 -0.71 10.56 -7.13
CA PHE A 527 0.17 11.64 -7.53
C PHE A 527 0.35 11.77 -9.06
N GLU A 528 -0.34 10.92 -9.84
CA GLU A 528 -0.27 10.94 -11.30
C GLU A 528 -1.21 12.02 -11.83
N PRO A 529 -0.72 13.04 -12.59
CA PRO A 529 -1.62 14.12 -13.06
C PRO A 529 -2.78 13.66 -13.95
N TYR A 530 -2.55 12.67 -14.85
CA TYR A 530 -3.59 12.18 -15.74
C TYR A 530 -4.00 10.77 -15.36
N HIS A 531 -5.31 10.43 -15.56
CA HIS A 531 -5.89 9.11 -15.27
C HIS A 531 -5.09 7.97 -15.89
N ASP A 532 -4.94 7.97 -17.24
CA ASP A 532 -4.15 6.94 -17.91
C ASP A 532 -2.72 7.32 -17.71
N SER A 533 -1.97 6.42 -17.11
CA SER A 533 -0.57 6.61 -16.77
C SER A 533 0.21 5.31 -16.93
N ALA A 534 1.54 5.44 -17.09
CA ALA A 534 2.42 4.27 -17.22
C ALA A 534 2.25 3.36 -15.99
N LEU A 535 2.09 3.96 -14.77
CA LEU A 535 1.90 3.25 -13.50
C LEU A 535 0.57 2.47 -13.44
N ALA A 536 -0.58 3.10 -13.75
CA ALA A 536 -1.89 2.44 -13.76
C ALA A 536 -1.87 1.25 -14.72
N ARG A 537 -1.24 1.45 -15.90
CA ARG A 537 -1.05 0.45 -16.95
C ARG A 537 -0.15 -0.63 -16.43
N PHE A 538 0.91 -0.27 -15.66
CA PHE A 538 1.83 -1.23 -15.09
C PHE A 538 1.07 -2.12 -14.11
N LEU A 539 0.33 -1.52 -13.16
CA LEU A 539 -0.51 -2.26 -12.22
C LEU A 539 -1.60 -3.06 -12.93
N LEU A 540 -2.02 -2.62 -14.15
CA LEU A 540 -2.98 -3.36 -14.98
C LEU A 540 -2.31 -4.63 -15.55
N LYS A 541 -1.03 -4.53 -15.98
CA LYS A 541 -0.32 -5.66 -16.55
C LYS A 541 -0.10 -6.75 -15.51
N ARG A 542 0.50 -6.37 -14.38
CA ARG A 542 0.86 -7.27 -13.28
C ARG A 542 -0.35 -7.96 -12.61
N GLY A 543 -1.47 -7.26 -12.51
CA GLY A 543 -2.70 -7.81 -11.96
C GLY A 543 -3.29 -8.83 -12.90
N LEU A 544 -3.23 -8.55 -14.21
CA LEU A 544 -3.75 -9.42 -15.27
C LEU A 544 -2.87 -10.61 -15.59
N ARG A 545 -1.57 -10.52 -15.26
CA ARG A 545 -0.58 -11.58 -15.46
C ARG A 545 -0.62 -12.56 -14.29
N ASN A 546 -0.88 -12.05 -13.08
CA ASN A 546 -0.92 -12.82 -11.85
C ASN A 546 -2.28 -12.76 -11.14
N LYS A 547 -2.81 -13.91 -10.69
CA LYS A 547 -4.10 -13.95 -10.01
C LYS A 547 -4.05 -13.39 -8.59
N ARG A 548 -2.95 -13.66 -7.83
CA ARG A 548 -2.75 -13.15 -6.47
C ARG A 548 -2.67 -11.63 -6.52
N ILE A 549 -1.79 -11.07 -7.42
CA ILE A 549 -1.65 -9.63 -7.62
C ILE A 549 -3.00 -9.05 -8.04
N GLY A 550 -3.69 -9.71 -8.97
CA GLY A 550 -5.02 -9.29 -9.41
C GLY A 550 -6.05 -9.23 -8.30
N HIS A 551 -6.03 -10.22 -7.41
CA HIS A 551 -6.94 -10.30 -6.25
C HIS A 551 -6.65 -9.15 -5.30
N PHE A 552 -5.37 -8.93 -4.95
CA PHE A 552 -5.05 -7.85 -4.05
C PHE A 552 -5.29 -6.50 -4.68
N LEU A 553 -5.05 -6.37 -6.03
CA LEU A 553 -5.31 -5.17 -6.82
C LEU A 553 -6.77 -4.80 -6.68
N PHE A 554 -7.67 -5.75 -6.96
CA PHE A 554 -9.11 -5.57 -6.81
C PHE A 554 -9.44 -4.90 -5.49
N TRP A 555 -8.95 -5.46 -4.36
CA TRP A 555 -9.26 -4.97 -3.02
C TRP A 555 -8.55 -3.70 -2.65
N PHE A 556 -7.36 -3.48 -3.20
CA PHE A 556 -6.59 -2.27 -2.95
C PHE A 556 -7.22 -1.10 -3.66
N LEU A 557 -7.80 -1.36 -4.86
CA LEU A 557 -8.52 -0.36 -5.63
C LEU A 557 -9.91 -0.15 -5.04
N ARG A 558 -10.66 -1.24 -4.75
CA ARG A 558 -11.99 -1.18 -4.15
C ARG A 558 -11.99 -0.46 -2.78
N SER A 559 -10.84 -0.49 -2.09
CA SER A 559 -10.62 0.18 -0.81
C SER A 559 -10.86 1.67 -0.97
N GLU A 560 -10.17 2.31 -1.97
CA GLU A 560 -10.24 3.75 -2.30
C GLU A 560 -11.52 4.17 -2.98
N ILE A 561 -12.01 3.38 -3.94
CA ILE A 561 -13.27 3.64 -4.65
C ILE A 561 -14.45 3.84 -3.67
N ALA A 562 -14.48 3.10 -2.57
CA ALA A 562 -15.57 3.17 -1.60
C ALA A 562 -15.40 4.23 -0.48
N GLN A 563 -14.19 4.76 -0.25
CA GLN A 563 -14.00 5.72 0.84
C GLN A 563 -13.51 7.09 0.41
N SER A 564 -12.78 7.14 -0.70
CA SER A 564 -12.22 8.37 -1.22
C SER A 564 -13.10 8.90 -2.35
N ARG A 565 -13.81 10.02 -2.09
CA ARG A 565 -14.62 10.68 -3.11
C ARG A 565 -13.66 11.43 -4.07
N HIS A 566 -12.45 11.80 -3.57
CA HIS A 566 -11.39 12.52 -4.30
C HIS A 566 -10.80 11.72 -5.43
N TYR A 567 -10.56 10.40 -5.23
CA TYR A 567 -9.92 9.54 -6.24
C TYR A 567 -10.74 8.34 -6.71
N GLN A 568 -11.99 8.16 -6.25
CA GLN A 568 -12.86 7.04 -6.67
C GLN A 568 -13.07 6.94 -8.18
N GLN A 569 -13.17 8.09 -8.86
CA GLN A 569 -13.37 8.22 -10.31
C GLN A 569 -12.27 7.53 -11.10
N ARG A 570 -10.99 7.94 -10.87
CA ARG A 570 -9.78 7.40 -11.50
C ARG A 570 -9.63 5.92 -11.28
N PHE A 571 -9.67 5.53 -10.01
CA PHE A 571 -9.49 4.15 -9.55
C PHE A 571 -10.53 3.20 -10.11
N ALA A 572 -11.80 3.65 -10.26
CA ALA A 572 -12.90 2.88 -10.82
C ALA A 572 -12.69 2.50 -12.26
N VAL A 573 -12.08 3.38 -13.07
CA VAL A 573 -11.82 3.09 -14.48
C VAL A 573 -10.66 2.07 -14.57
N ILE A 574 -9.73 2.08 -13.57
CA ILE A 574 -8.63 1.10 -13.51
C ILE A 574 -9.17 -0.25 -13.05
N LEU A 575 -10.17 -0.25 -12.14
CA LEU A 575 -10.75 -1.53 -11.69
C LEU A 575 -11.51 -2.20 -12.83
N GLU A 576 -12.44 -1.45 -13.51
CA GLU A 576 -13.23 -1.92 -14.66
C GLU A 576 -12.31 -2.49 -15.73
N ALA A 577 -11.16 -1.85 -15.99
CA ALA A 577 -10.17 -2.33 -16.96
C ALA A 577 -9.53 -3.64 -16.49
N TYR A 578 -9.25 -3.80 -15.19
CA TYR A 578 -8.68 -5.06 -14.72
C TYR A 578 -9.75 -6.18 -14.77
N LEU A 579 -10.93 -5.90 -14.23
CA LEU A 579 -12.10 -6.79 -14.18
C LEU A 579 -12.42 -7.40 -15.55
N ARG A 580 -12.38 -6.58 -16.59
CA ARG A 580 -12.67 -6.96 -17.98
C ARG A 580 -11.65 -7.95 -18.59
N GLY A 581 -10.59 -8.29 -17.85
CA GLY A 581 -9.55 -9.21 -18.33
C GLY A 581 -9.09 -10.33 -17.40
N CYS A 582 -9.59 -10.38 -16.15
CA CYS A 582 -9.25 -11.42 -15.16
C CYS A 582 -9.80 -12.79 -15.56
N GLY A 583 -10.96 -12.80 -16.21
CA GLY A 583 -11.61 -14.03 -16.66
C GLY A 583 -12.75 -14.45 -15.76
N THR A 584 -13.77 -15.10 -16.36
CA THR A 584 -15.03 -15.55 -15.75
C THR A 584 -14.88 -16.15 -14.33
N ALA A 585 -13.78 -16.90 -14.09
CA ALA A 585 -13.49 -17.53 -12.81
C ALA A 585 -13.25 -16.49 -11.70
N MET A 586 -12.34 -15.52 -11.92
CA MET A 586 -12.05 -14.49 -10.91
C MET A 586 -13.25 -13.58 -10.70
N LEU A 587 -13.97 -13.24 -11.80
CA LEU A 587 -15.20 -12.45 -11.78
C LEU A 587 -16.26 -13.17 -10.93
N HIS A 588 -16.24 -14.52 -10.93
CA HIS A 588 -17.16 -15.33 -10.14
C HIS A 588 -16.74 -15.22 -8.67
N ASP A 589 -15.45 -15.48 -8.38
CA ASP A 589 -14.87 -15.37 -7.04
C ASP A 589 -15.17 -14.03 -6.39
N PHE A 590 -14.93 -12.89 -7.10
CA PHE A 590 -15.16 -11.52 -6.60
C PHE A 590 -16.63 -11.22 -6.31
N THR A 591 -17.56 -11.78 -7.10
CA THR A 591 -19.01 -11.61 -6.86
C THR A 591 -19.33 -12.29 -5.52
N GLN A 592 -18.71 -13.47 -5.28
CA GLN A 592 -18.88 -14.27 -4.05
C GLN A 592 -18.28 -13.59 -2.84
N GLN A 593 -17.28 -12.70 -3.04
CA GLN A 593 -16.65 -11.96 -1.94
C GLN A 593 -17.47 -10.72 -1.65
N VAL A 594 -17.85 -9.97 -2.71
CA VAL A 594 -18.68 -8.75 -2.64
C VAL A 594 -20.01 -9.10 -1.97
N GLN A 595 -20.73 -10.12 -2.47
CA GLN A 595 -21.99 -10.58 -1.89
C GLN A 595 -21.91 -10.88 -0.37
N VAL A 596 -20.81 -11.50 0.10
CA VAL A 596 -20.57 -11.84 1.51
C VAL A 596 -20.29 -10.58 2.32
N ILE A 597 -19.32 -9.74 1.89
CA ILE A 597 -18.96 -8.52 2.62
C ILE A 597 -20.14 -7.53 2.66
N GLU A 598 -20.94 -7.42 1.58
CA GLU A 598 -22.12 -6.55 1.53
C GLU A 598 -23.20 -7.06 2.48
N MET A 599 -23.30 -8.40 2.66
CA MET A 599 -24.23 -9.05 3.60
C MET A 599 -23.74 -8.74 5.03
N LEU A 600 -22.45 -9.01 5.30
CA LEU A 600 -21.77 -8.81 6.59
C LEU A 600 -21.66 -7.33 6.97
N GLN A 601 -21.84 -6.41 6.00
CA GLN A 601 -21.77 -4.96 6.22
C GLN A 601 -22.98 -4.48 6.99
N LYS A 602 -24.19 -4.89 6.57
CA LYS A 602 -25.46 -4.54 7.19
C LYS A 602 -25.51 -5.02 8.64
N VAL A 603 -25.15 -6.30 8.88
CA VAL A 603 -25.13 -6.94 10.20
C VAL A 603 -24.26 -6.17 11.18
N THR A 604 -23.04 -5.78 10.77
CA THR A 604 -22.11 -5.02 11.60
C THR A 604 -22.70 -3.66 12.00
N LEU A 605 -23.37 -2.99 11.05
CA LEU A 605 -23.99 -1.67 11.26
C LEU A 605 -25.28 -1.71 12.07
N ASP A 606 -26.11 -2.76 11.89
CA ASP A 606 -27.38 -2.94 12.60
C ASP A 606 -27.15 -3.26 14.08
N ILE A 607 -26.13 -4.09 14.39
CA ILE A 607 -25.74 -4.49 15.74
C ILE A 607 -25.13 -3.30 16.52
N LYS A 608 -24.34 -2.45 15.83
CA LYS A 608 -23.71 -1.25 16.39
C LYS A 608 -24.80 -0.24 16.80
N SER A 609 -25.90 -0.17 16.03
CA SER A 609 -27.05 0.71 16.28
C SER A 609 -28.01 0.14 17.36
N LEU A 610 -27.45 -0.66 18.31
CA LEU A 610 -28.15 -1.29 19.43
C LEU A 610 -27.31 -1.20 20.72
N SER A 611 -26.04 -0.76 20.60
CA SER A 611 -25.11 -0.64 21.73
C SER A 611 -24.23 0.63 21.70
N ALA A 612 -23.62 0.98 22.85
CA ALA A 612 -22.73 2.13 23.01
C ALA A 612 -21.29 1.66 23.14
N SER A 618 -24.23 -7.98 25.60
CA SER A 618 -25.35 -8.58 26.33
C SER A 618 -25.99 -9.74 25.56
N SER A 619 -26.83 -10.54 26.26
CA SER A 619 -27.56 -11.69 25.73
C SER A 619 -28.51 -11.29 24.58
N GLN A 620 -29.09 -10.09 24.66
CA GLN A 620 -30.01 -9.54 23.64
C GLN A 620 -29.28 -9.38 22.31
N VAL A 621 -28.11 -8.72 22.34
CA VAL A 621 -27.25 -8.45 21.19
C VAL A 621 -26.75 -9.77 20.56
N ILE A 622 -26.19 -10.67 21.41
CA ILE A 622 -25.64 -11.95 20.98
C ILE A 622 -26.72 -12.86 20.37
N SER A 623 -27.97 -12.78 20.84
CA SER A 623 -29.07 -13.58 20.28
C SER A 623 -29.52 -13.00 18.96
N GLN A 624 -29.65 -11.65 18.88
CA GLN A 624 -30.06 -10.91 17.69
C GLN A 624 -29.06 -11.06 16.53
N LEU A 625 -27.76 -11.26 16.86
CA LEU A 625 -26.67 -11.46 15.91
C LEU A 625 -26.88 -12.80 15.19
N LYS A 626 -27.07 -13.89 15.96
CA LYS A 626 -27.34 -15.23 15.43
C LYS A 626 -28.73 -15.29 14.78
N GLN A 627 -29.67 -14.42 15.23
CA GLN A 627 -31.03 -14.29 14.70
C GLN A 627 -31.00 -13.72 13.28
N LYS A 628 -29.95 -12.93 12.96
CA LYS A 628 -29.75 -12.31 11.65
C LYS A 628 -28.89 -13.18 10.74
N LEU A 629 -27.83 -13.81 11.31
CA LEU A 629 -26.93 -14.71 10.57
C LEU A 629 -27.64 -15.98 10.11
N GLU A 630 -28.76 -16.34 10.77
CA GLU A 630 -29.58 -17.51 10.46
C GLU A 630 -30.32 -17.26 9.14
N ASN A 631 -31.01 -16.09 9.01
CA ASN A 631 -31.73 -15.71 7.79
C ASN A 631 -30.76 -15.23 6.69
N LEU A 632 -29.46 -15.50 6.88
CA LEU A 632 -28.38 -15.20 5.95
C LEU A 632 -27.79 -16.47 5.37
N GLN A 633 -27.59 -17.53 6.21
CA GLN A 633 -27.03 -18.80 5.75
C GLN A 633 -27.96 -19.54 4.80
N ASN A 634 -29.28 -19.30 4.92
CA ASN A 634 -30.31 -19.90 4.08
C ASN A 634 -30.59 -18.96 2.89
N LEU A 637 -27.11 -16.29 -0.78
CA LEU A 637 -25.94 -17.15 -0.96
C LEU A 637 -24.60 -16.32 -0.89
N PRO A 638 -23.35 -16.87 -1.05
CA PRO A 638 -22.95 -18.23 -1.43
C PRO A 638 -22.49 -19.16 -0.32
N GLU A 639 -22.28 -20.44 -0.69
CA GLU A 639 -21.81 -21.52 0.16
C GLU A 639 -20.27 -21.52 0.34
N SER A 640 -19.54 -20.79 -0.52
CA SER A 640 -18.08 -20.65 -0.45
C SER A 640 -17.60 -19.31 -1.02
N PHE A 641 -16.45 -18.82 -0.51
CA PHE A 641 -15.83 -17.54 -0.93
C PHE A 641 -14.35 -17.49 -0.55
N ARG A 642 -13.51 -16.85 -1.40
CA ARG A 642 -12.08 -16.71 -1.12
C ARG A 642 -11.91 -15.71 0.01
N VAL A 643 -10.81 -15.81 0.77
CA VAL A 643 -10.60 -14.92 1.91
C VAL A 643 -9.84 -13.68 1.43
N PRO A 644 -10.49 -12.48 1.37
CA PRO A 644 -9.84 -11.27 0.84
C PRO A 644 -8.38 -11.02 1.24
N TYR A 645 -7.96 -11.40 2.45
CA TYR A 645 -6.57 -11.19 2.88
C TYR A 645 -5.65 -12.40 2.66
N ASP A 646 -6.23 -13.58 2.35
CA ASP A 646 -5.52 -14.84 2.09
C ASP A 646 -6.33 -15.57 1.00
N PRO A 647 -6.07 -15.22 -0.29
CA PRO A 647 -6.90 -15.77 -1.39
C PRO A 647 -6.76 -17.25 -1.68
N GLY A 648 -5.73 -17.90 -1.12
CA GLY A 648 -5.52 -19.33 -1.28
C GLY A 648 -6.60 -20.10 -0.55
N LEU A 649 -6.97 -19.59 0.64
CA LEU A 649 -7.96 -20.14 1.55
C LEU A 649 -9.38 -19.77 1.15
N LYS A 650 -10.23 -20.80 0.98
CA LYS A 650 -11.64 -20.64 0.61
C LYS A 650 -12.54 -20.98 1.80
N ALA A 651 -13.22 -19.96 2.36
CA ALA A 651 -14.13 -20.13 3.50
C ALA A 651 -15.50 -20.55 3.03
N GLY A 652 -16.01 -21.60 3.65
CA GLY A 652 -17.32 -22.16 3.37
C GLY A 652 -18.40 -21.55 4.25
N ALA A 653 -19.35 -22.38 4.68
CA ALA A 653 -20.48 -21.96 5.51
C ALA A 653 -20.06 -21.59 6.94
N LEU A 654 -20.91 -20.81 7.59
CA LEU A 654 -20.71 -20.31 8.94
C LEU A 654 -20.81 -21.35 10.04
N ALA A 655 -20.14 -21.07 11.16
CA ALA A 655 -20.22 -21.79 12.42
C ALA A 655 -20.95 -20.75 13.25
N ILE A 656 -22.23 -20.50 12.90
CA ILE A 656 -23.14 -19.52 13.49
C ILE A 656 -23.17 -19.57 15.04
N GLU A 657 -23.00 -20.77 15.61
CA GLU A 657 -22.96 -20.96 17.06
C GLU A 657 -21.67 -20.36 17.69
N LYS A 658 -20.56 -20.28 16.90
CA LYS A 658 -19.25 -19.75 17.31
C LYS A 658 -19.16 -18.24 17.15
N CYS A 659 -20.01 -17.65 16.27
CA CYS A 659 -20.05 -16.22 15.96
C CYS A 659 -20.57 -15.39 17.13
N LYS A 660 -19.86 -14.29 17.46
CA LYS A 660 -20.19 -13.38 18.57
C LYS A 660 -19.88 -11.90 18.28
N VAL A 661 -20.43 -10.98 19.11
CA VAL A 661 -20.20 -9.53 19.05
C VAL A 661 -19.18 -9.22 20.16
N MET A 662 -18.06 -8.56 19.80
CA MET A 662 -16.93 -8.29 20.69
C MET A 662 -17.12 -7.10 21.64
N ALA A 663 -16.55 -7.21 22.85
CA ALA A 663 -16.65 -6.21 23.92
C ALA A 663 -15.49 -5.19 23.97
N SER A 664 -15.74 -4.00 23.39
CA SER A 664 -14.83 -2.85 23.35
C SER A 664 -15.63 -1.56 23.06
N LYS A 665 -14.95 -0.39 22.96
CA LYS A 665 -15.56 0.93 22.65
C LYS A 665 -16.33 0.93 21.30
N LYS A 666 -15.88 0.07 20.36
CA LYS A 666 -16.46 -0.20 19.05
C LYS A 666 -17.05 -1.62 19.09
N LYS A 667 -17.92 -1.97 18.12
CA LYS A 667 -18.52 -3.31 18.14
C LYS A 667 -18.26 -4.10 16.86
N PRO A 668 -17.20 -4.95 16.87
CA PRO A 668 -16.90 -5.78 15.69
C PRO A 668 -17.64 -7.12 15.71
N LEU A 669 -17.57 -7.87 14.61
CA LEU A 669 -18.21 -9.17 14.44
C LEU A 669 -17.19 -10.32 14.40
N TRP A 670 -17.12 -11.10 15.50
CA TRP A 670 -16.24 -12.26 15.56
C TRP A 670 -16.94 -13.39 14.80
N LEU A 671 -16.53 -13.64 13.55
CA LEU A 671 -17.13 -14.68 12.72
C LEU A 671 -16.17 -15.85 12.51
N GLU A 672 -16.73 -17.07 12.46
CA GLU A 672 -15.99 -18.29 12.21
C GLU A 672 -16.69 -19.06 11.10
N PHE A 673 -15.92 -19.44 10.07
CA PHE A 673 -16.41 -20.14 8.88
C PHE A 673 -15.69 -21.47 8.74
N LYS A 674 -16.42 -22.52 8.33
CA LYS A 674 -15.81 -23.83 8.09
C LYS A 674 -15.02 -23.72 6.76
N CYS A 675 -13.94 -24.49 6.58
CA CYS A 675 -13.18 -24.40 5.32
C CYS A 675 -13.90 -25.20 4.24
N ALA A 676 -14.10 -24.57 3.06
CA ALA A 676 -14.79 -25.16 1.90
C ALA A 676 -14.08 -26.37 1.33
N ASP A 677 -12.73 -26.41 1.45
CA ASP A 677 -11.92 -27.53 0.96
C ASP A 677 -11.92 -28.70 1.96
N PRO A 678 -12.46 -29.87 1.57
CA PRO A 678 -12.46 -31.04 2.48
C PRO A 678 -11.06 -31.67 2.63
N THR A 679 -10.14 -31.35 1.70
CA THR A 679 -8.78 -31.88 1.67
C THR A 679 -7.85 -31.22 2.73
N ALA A 680 -8.41 -30.29 3.55
CA ALA A 680 -7.69 -29.58 4.61
C ALA A 680 -7.22 -30.55 5.71
N LEU A 681 -6.05 -30.25 6.34
CA LEU A 681 -5.46 -31.09 7.39
C LEU A 681 -6.25 -31.10 8.71
N SER A 682 -6.75 -29.92 9.14
CA SER A 682 -7.52 -29.73 10.36
C SER A 682 -8.88 -29.10 10.06
N ASN A 683 -9.86 -29.31 10.95
CA ASN A 683 -11.19 -28.69 10.81
C ASN A 683 -11.26 -27.34 11.59
N GLU A 684 -10.07 -26.72 11.79
CA GLU A 684 -9.89 -25.43 12.45
C GLU A 684 -10.52 -24.39 11.51
N THR A 685 -11.59 -23.74 12.01
CA THR A 685 -12.37 -22.74 11.26
C THR A 685 -11.55 -21.49 10.91
N ILE A 686 -12.07 -20.67 9.98
CA ILE A 686 -11.40 -19.44 9.61
C ILE A 686 -12.08 -18.31 10.35
N GLY A 687 -11.33 -17.73 11.28
CA GLY A 687 -11.79 -16.64 12.12
C GLY A 687 -11.55 -15.31 11.43
N ILE A 688 -12.65 -14.56 11.25
CA ILE A 688 -12.64 -13.23 10.64
C ILE A 688 -13.38 -12.20 11.51
N ILE A 689 -12.71 -11.05 11.79
CA ILE A 689 -13.27 -9.92 12.52
C ILE A 689 -13.82 -8.94 11.49
N PHE A 690 -15.11 -8.62 11.55
CA PHE A 690 -15.72 -7.65 10.64
C PHE A 690 -16.01 -6.42 11.48
N LYS A 691 -15.21 -5.34 11.31
CA LYS A 691 -15.26 -4.11 12.12
C LYS A 691 -15.81 -2.87 11.38
N HIS A 692 -16.32 -1.87 12.16
CA HIS A 692 -16.85 -0.57 11.69
C HIS A 692 -16.40 0.57 12.63
N GLY A 693 -16.27 1.80 12.08
CA GLY A 693 -15.88 2.98 12.84
C GLY A 693 -14.39 3.25 12.95
N ASP A 694 -13.57 2.30 12.46
CA ASP A 694 -12.11 2.35 12.43
C ASP A 694 -11.68 2.37 10.95
N ASP A 695 -10.58 3.10 10.63
CA ASP A 695 -10.07 3.17 9.25
C ASP A 695 -8.95 2.13 9.01
N LEU A 696 -9.34 0.98 8.41
CA LEU A 696 -8.50 -0.16 8.08
C LEU A 696 -7.44 0.18 7.01
N ARG A 697 -7.60 1.33 6.32
CA ARG A 697 -6.70 1.82 5.28
C ARG A 697 -5.33 2.13 5.81
N GLN A 698 -5.24 2.57 7.07
CA GLN A 698 -3.97 2.88 7.73
C GLN A 698 -3.28 1.62 8.27
N ASP A 699 -4.10 0.64 8.77
CA ASP A 699 -3.62 -0.64 9.31
C ASP A 699 -3.05 -1.45 8.16
N MET A 700 -3.72 -1.42 6.99
CA MET A 700 -3.28 -2.02 5.73
C MET A 700 -1.88 -1.49 5.40
N LEU A 701 -1.69 -0.17 5.52
CA LEU A 701 -0.43 0.52 5.24
C LEU A 701 0.67 0.15 6.21
N ILE A 702 0.34 0.07 7.51
CA ILE A 702 1.33 -0.31 8.54
C ILE A 702 1.73 -1.79 8.37
N LEU A 703 0.74 -2.69 8.25
CA LEU A 703 1.00 -4.11 8.02
C LEU A 703 1.90 -4.34 6.80
N GLN A 704 1.80 -3.47 5.78
CA GLN A 704 2.59 -3.59 4.56
C GLN A 704 4.03 -3.26 4.77
N ILE A 705 4.32 -2.20 5.55
CA ILE A 705 5.68 -1.81 5.85
C ILE A 705 6.31 -2.89 6.71
N LEU A 706 5.50 -3.52 7.60
CA LEU A 706 5.96 -4.63 8.45
C LEU A 706 6.43 -5.77 7.54
N ARG A 707 5.60 -6.16 6.54
CA ARG A 707 5.91 -7.22 5.56
C ARG A 707 7.12 -6.87 4.72
N ILE A 708 7.34 -5.56 4.47
CA ILE A 708 8.51 -5.03 3.76
C ILE A 708 9.75 -5.19 4.65
N MET A 709 9.63 -4.80 5.94
CA MET A 709 10.71 -4.88 6.94
C MET A 709 11.23 -6.31 7.04
N GLU A 710 10.33 -7.29 7.13
CA GLU A 710 10.68 -8.71 7.14
C GLU A 710 11.56 -9.07 5.91
N SER A 711 11.17 -8.65 4.69
CA SER A 711 11.95 -8.91 3.48
C SER A 711 13.37 -8.30 3.58
N ILE A 712 13.48 -7.08 4.18
CA ILE A 712 14.75 -6.38 4.40
C ILE A 712 15.61 -7.27 5.30
N TRP A 713 15.01 -7.81 6.37
CA TRP A 713 15.69 -8.69 7.31
C TRP A 713 16.10 -10.00 6.66
N GLU A 714 15.24 -10.57 5.78
CA GLU A 714 15.49 -11.79 5.00
C GLU A 714 16.77 -11.66 4.18
N THR A 715 16.95 -10.53 3.45
CA THR A 715 18.15 -10.26 2.64
C THR A 715 19.42 -10.21 3.52
N GLU A 716 19.28 -9.65 4.74
CA GLU A 716 20.32 -9.52 5.75
C GLU A 716 20.40 -10.79 6.63
N SER A 717 19.72 -11.88 6.18
CA SER A 717 19.65 -13.21 6.80
C SER A 717 19.15 -13.19 8.26
N LEU A 718 17.97 -12.56 8.47
CA LEU A 718 17.30 -12.41 9.77
C LEU A 718 15.81 -12.65 9.69
N ASP A 719 15.28 -13.33 10.71
CA ASP A 719 13.86 -13.62 10.87
C ASP A 719 13.44 -13.09 12.25
N LEU A 720 12.77 -11.94 12.27
CA LEU A 720 12.33 -11.27 13.49
C LEU A 720 10.86 -11.61 13.88
N CYS A 721 10.39 -12.78 13.41
CA CYS A 721 9.09 -13.43 13.66
C CYS A 721 7.89 -12.47 13.80
N LEU A 722 7.66 -11.58 12.82
CA LEU A 722 6.52 -10.65 12.89
C LEU A 722 5.23 -11.35 12.50
N LEU A 723 4.09 -10.88 13.02
CA LEU A 723 2.80 -11.43 12.66
C LEU A 723 1.93 -10.35 11.94
N PRO A 724 2.17 -10.10 10.63
CA PRO A 724 1.39 -9.09 9.92
C PRO A 724 0.07 -9.70 9.43
N TYR A 725 -0.87 -9.83 10.37
CA TYR A 725 -2.20 -10.43 10.17
C TYR A 725 -2.94 -9.82 8.99
N GLY A 726 -3.65 -10.66 8.24
CA GLY A 726 -4.46 -10.20 7.12
C GLY A 726 -5.47 -9.13 7.54
N CYS A 727 -5.55 -8.09 6.75
CA CYS A 727 -6.42 -6.94 7.02
C CYS A 727 -6.79 -6.29 5.70
N ILE A 728 -8.07 -6.31 5.35
CA ILE A 728 -8.56 -5.70 4.12
C ILE A 728 -9.63 -4.67 4.39
N SER A 729 -9.44 -3.44 3.91
CA SER A 729 -10.42 -2.38 3.95
C SER A 729 -11.43 -2.74 2.84
N THR A 730 -12.73 -2.87 3.19
CA THR A 730 -13.69 -3.29 2.16
C THR A 730 -14.61 -2.16 1.65
N GLY A 731 -15.13 -1.31 2.53
CA GLY A 731 -16.03 -0.21 2.19
C GLY A 731 -15.91 0.99 3.10
N ASP A 732 -16.97 1.86 3.12
CA ASP A 732 -17.01 3.11 3.92
C ASP A 732 -16.73 2.88 5.42
N LYS A 733 -15.44 3.01 5.81
CA LYS A 733 -14.88 2.79 7.16
C LYS A 733 -15.16 1.36 7.72
N ILE A 734 -15.35 0.37 6.83
CA ILE A 734 -15.65 -1.05 7.13
C ILE A 734 -14.71 -2.02 6.35
N GLY A 735 -14.34 -3.12 7.00
CA GLY A 735 -13.49 -4.14 6.41
C GLY A 735 -13.49 -5.46 7.15
N MET A 736 -12.37 -6.21 7.04
CA MET A 736 -12.20 -7.47 7.74
C MET A 736 -10.74 -7.73 8.15
N ILE A 737 -10.59 -8.40 9.31
CA ILE A 737 -9.32 -8.68 9.96
C ILE A 737 -9.20 -10.17 10.29
N GLU A 738 -7.97 -10.73 10.15
CA GLU A 738 -7.65 -12.12 10.40
C GLU A 738 -7.58 -12.41 11.90
N ILE A 739 -8.21 -13.51 12.35
CA ILE A 739 -8.11 -13.92 13.75
C ILE A 739 -6.89 -14.81 13.89
N VAL A 740 -5.97 -14.44 14.80
CA VAL A 740 -4.78 -15.22 15.06
C VAL A 740 -5.13 -16.29 16.12
N LYS A 741 -5.11 -17.55 15.69
CA LYS A 741 -5.44 -18.71 16.50
C LYS A 741 -4.47 -18.95 17.67
N ASP A 742 -5.04 -19.23 18.86
CA ASP A 742 -4.36 -19.50 20.13
C ASP A 742 -3.59 -18.27 20.65
N ALA A 743 -4.18 -17.08 20.49
CA ALA A 743 -3.56 -15.82 20.89
C ALA A 743 -4.46 -14.96 21.76
N THR A 744 -3.84 -14.23 22.69
CA THR A 744 -4.51 -13.28 23.59
C THR A 744 -3.63 -12.05 23.80
N THR A 745 -4.24 -10.97 24.34
CA THR A 745 -3.59 -9.70 24.65
C THR A 745 -2.83 -9.80 25.96
N ILE A 746 -1.98 -8.78 26.27
CA ILE A 746 -1.22 -8.74 27.53
C ILE A 746 -2.16 -8.31 28.67
N ALA A 747 -3.19 -7.50 28.35
CA ALA A 747 -4.23 -7.05 29.30
C ALA A 747 -5.02 -8.23 29.85
N LYS A 748 -5.45 -9.17 28.98
CA LYS A 748 -6.19 -10.37 29.38
C LYS A 748 -5.33 -11.34 30.20
N ILE A 749 -4.00 -11.37 29.94
CA ILE A 749 -3.05 -12.22 30.68
C ILE A 749 -2.86 -11.64 32.11
N GLN A 750 -2.86 -10.29 32.25
CA GLN A 750 -2.77 -9.63 33.57
C GLN A 750 -4.11 -9.75 34.34
N GLN A 751 -5.26 -9.58 33.65
CA GLN A 751 -6.60 -9.68 34.23
C GLN A 751 -6.95 -11.13 34.54
N LYS A 761 2.66 -9.49 38.33
CA LYS A 761 2.89 -8.66 37.15
C LYS A 761 4.10 -9.16 36.35
N ASP A 762 5.29 -9.20 37.00
CA ASP A 762 6.56 -9.65 36.42
C ASP A 762 6.52 -11.11 35.94
N GLU A 763 6.05 -12.00 36.82
CA GLU A 763 5.95 -13.45 36.62
C GLU A 763 4.87 -13.87 35.63
N VAL A 764 3.70 -13.22 35.70
CA VAL A 764 2.44 -13.45 34.96
C VAL A 764 2.62 -13.95 33.52
N LEU A 765 3.53 -13.34 32.71
CA LEU A 765 3.68 -13.79 31.32
C LEU A 765 4.43 -15.12 31.19
N ASN A 766 5.58 -15.30 31.87
CA ASN A 766 6.36 -16.55 31.84
C ASN A 766 5.55 -17.73 32.41
N HIS A 767 4.65 -17.44 33.38
CA HIS A 767 3.74 -18.40 33.99
C HIS A 767 2.67 -18.81 32.98
N TRP A 768 2.26 -17.86 32.11
CA TRP A 768 1.27 -18.09 31.06
C TRP A 768 1.87 -18.92 29.93
N LEU A 769 3.14 -18.68 29.58
CA LEU A 769 3.83 -19.40 28.52
C LEU A 769 4.02 -20.87 28.85
N LYS A 770 4.50 -21.18 30.08
CA LYS A 770 4.72 -22.54 30.56
C LYS A 770 3.39 -23.29 30.69
N GLU A 771 2.37 -22.63 31.26
CA GLU A 771 1.02 -23.15 31.47
C GLU A 771 0.37 -23.65 30.16
N LYS A 772 0.47 -22.84 29.08
CA LYS A 772 -0.12 -23.18 27.77
C LYS A 772 0.82 -24.04 26.92
N SER A 773 2.05 -24.28 27.42
CA SER A 773 3.06 -25.08 26.73
C SER A 773 2.96 -26.56 27.12
N PRO A 774 2.81 -27.50 26.15
CA PRO A 774 2.75 -28.93 26.51
C PRO A 774 4.06 -29.48 27.09
N THR A 775 5.10 -29.59 26.25
CA THR A 775 6.42 -30.08 26.67
C THR A 775 7.36 -28.93 27.06
N GLU A 776 8.45 -29.23 27.80
CA GLU A 776 9.46 -28.23 28.15
C GLU A 776 10.24 -27.85 26.89
N GLU A 777 10.38 -28.81 25.93
CA GLU A 777 11.02 -28.63 24.62
C GLU A 777 10.31 -27.49 23.91
N LYS A 778 8.94 -27.55 23.89
CA LYS A 778 8.03 -26.55 23.31
C LYS A 778 8.08 -25.21 24.05
N PHE A 779 8.35 -25.23 25.39
CA PHE A 779 8.45 -24.00 26.18
C PHE A 779 9.74 -23.26 25.87
N GLN A 780 10.86 -24.00 25.69
CA GLN A 780 12.15 -23.41 25.35
C GLN A 780 12.11 -22.82 23.95
N ALA A 781 11.18 -23.33 23.10
CA ALA A 781 10.89 -22.83 21.76
C ALA A 781 10.02 -21.58 21.89
N ALA A 782 9.10 -21.57 22.91
CA ALA A 782 8.20 -20.46 23.22
C ALA A 782 8.92 -19.22 23.71
N VAL A 783 10.04 -19.37 24.46
CA VAL A 783 10.83 -18.24 24.95
C VAL A 783 11.70 -17.67 23.82
N GLU A 784 12.13 -18.51 22.85
CA GLU A 784 12.95 -18.09 21.70
C GLU A 784 12.07 -17.33 20.69
N ARG A 785 10.86 -17.87 20.40
CA ARG A 785 9.83 -17.27 19.53
C ARG A 785 9.41 -15.94 20.15
N PHE A 786 9.58 -15.80 21.48
CA PHE A 786 9.28 -14.56 22.18
C PHE A 786 10.35 -13.51 21.96
N VAL A 787 11.63 -13.86 22.17
CA VAL A 787 12.79 -12.97 22.06
C VAL A 787 12.89 -12.36 20.63
N TYR A 788 12.68 -13.17 19.58
CA TYR A 788 12.73 -12.71 18.18
C TYR A 788 11.56 -11.81 17.82
N SER A 789 10.31 -12.26 18.07
CA SER A 789 9.11 -11.46 17.77
C SER A 789 9.08 -10.19 18.58
N CYS A 790 9.50 -10.25 19.86
CA CYS A 790 9.59 -9.10 20.75
C CYS A 790 10.61 -8.10 20.19
N ALA A 791 11.84 -8.55 19.85
CA ALA A 791 12.86 -7.68 19.25
C ALA A 791 12.36 -7.06 17.96
N GLY A 792 11.68 -7.86 17.13
CA GLY A 792 11.11 -7.43 15.86
C GLY A 792 10.12 -6.29 16.02
N TYR A 793 9.11 -6.48 16.88
CA TYR A 793 8.12 -5.44 17.16
C TYR A 793 8.75 -4.26 17.89
N CYS A 794 9.92 -4.47 18.54
CA CYS A 794 10.64 -3.38 19.20
C CYS A 794 11.26 -2.44 18.17
N VAL A 795 11.97 -2.99 17.16
CA VAL A 795 12.60 -2.20 16.09
C VAL A 795 11.56 -1.58 15.14
N ALA A 796 10.64 -2.43 14.61
CA ALA A 796 9.58 -2.05 13.67
C ALA A 796 8.69 -0.89 14.15
N THR A 797 8.02 -1.04 15.31
CA THR A 797 7.13 -0.01 15.87
C THR A 797 7.89 1.26 16.25
N PHE A 798 9.19 1.15 16.55
CA PHE A 798 9.99 2.31 16.91
C PHE A 798 10.20 3.19 15.68
N VAL A 799 10.72 2.58 14.60
CA VAL A 799 10.98 3.26 13.33
C VAL A 799 9.72 4.00 12.83
N LEU A 800 8.57 3.31 12.83
CA LEU A 800 7.28 3.87 12.38
C LEU A 800 6.65 4.85 13.37
N GLY A 801 7.13 4.85 14.61
CA GLY A 801 6.64 5.74 15.66
C GLY A 801 5.25 5.39 16.14
N ILE A 802 5.08 4.11 16.51
CA ILE A 802 3.85 3.47 16.99
C ILE A 802 4.21 2.44 18.08
N GLY A 803 5.22 2.78 18.90
CA GLY A 803 5.75 1.96 19.99
C GLY A 803 5.13 2.23 21.34
N ASP A 804 4.56 3.44 21.52
CA ASP A 804 3.86 3.85 22.75
C ASP A 804 2.42 3.41 22.59
N ARG A 805 2.19 2.11 22.82
CA ARG A 805 0.89 1.44 22.67
C ARG A 805 0.49 0.74 23.95
N HIS A 806 -0.83 0.73 24.24
CA HIS A 806 -1.44 0.09 25.40
C HIS A 806 -1.34 -1.46 25.32
N ASN A 807 -1.29 -2.14 26.50
CA ASN A 807 -1.18 -3.60 26.68
C ASN A 807 -2.27 -4.38 25.93
N ASP A 808 -3.47 -3.78 25.79
CA ASP A 808 -4.60 -4.38 25.08
C ASP A 808 -4.37 -4.33 23.57
N ASN A 809 -3.39 -3.53 23.12
CA ASN A 809 -3.04 -3.40 21.71
C ASN A 809 -1.74 -4.14 21.37
N ILE A 810 -1.37 -5.13 22.21
CA ILE A 810 -0.21 -6.02 22.08
C ILE A 810 -0.71 -7.43 22.43
N MET A 811 -0.56 -8.36 21.47
CA MET A 811 -1.01 -9.75 21.59
C MET A 811 0.16 -10.72 21.63
N ILE A 812 -0.10 -12.00 21.97
CA ILE A 812 0.89 -13.08 22.07
C ILE A 812 0.23 -14.44 21.88
N THR A 813 0.83 -15.28 21.02
CA THR A 813 0.32 -16.62 20.77
C THR A 813 0.82 -17.56 21.87
N GLU A 814 0.12 -18.71 22.05
CA GLU A 814 0.49 -19.74 23.01
C GLU A 814 1.82 -20.39 22.59
N THR A 815 2.29 -20.02 21.38
CA THR A 815 3.53 -20.44 20.73
C THR A 815 4.69 -19.51 21.17
N GLY A 816 4.34 -18.32 21.66
CA GLY A 816 5.30 -17.31 22.11
C GLY A 816 5.41 -16.12 21.17
N ASN A 817 4.61 -16.12 20.10
CA ASN A 817 4.65 -15.07 19.09
C ASN A 817 3.86 -13.83 19.50
N LEU A 818 4.58 -12.78 19.86
CA LEU A 818 4.05 -11.47 20.23
C LEU A 818 3.76 -10.70 18.94
N PHE A 819 2.80 -9.72 18.99
CA PHE A 819 2.42 -8.85 17.86
C PHE A 819 1.48 -7.72 18.22
N HIS A 820 1.76 -6.49 17.72
CA HIS A 820 0.91 -5.32 17.95
C HIS A 820 -0.32 -5.38 17.06
N ILE A 821 -1.37 -4.64 17.41
CA ILE A 821 -2.66 -4.59 16.69
C ILE A 821 -3.26 -3.17 16.73
N ASP A 822 -4.52 -3.02 16.24
CA ASP A 822 -5.35 -1.81 16.24
C ASP A 822 -4.62 -0.54 15.80
N PHE A 823 -3.81 -0.64 14.72
CA PHE A 823 -3.00 0.42 14.12
C PHE A 823 -3.76 1.63 13.59
N GLY A 824 -5.09 1.66 13.72
CA GLY A 824 -5.96 2.74 13.25
C GLY A 824 -5.77 4.07 13.96
N HIS A 825 -4.67 4.79 13.60
CA HIS A 825 -4.22 6.10 14.11
C HIS A 825 -3.93 6.11 15.61
N GLU A 839 4.00 11.41 30.43
CA GLU A 839 5.20 10.60 30.17
C GLU A 839 5.12 9.84 28.83
N ARG A 840 6.29 9.55 28.23
CA ARG A 840 6.45 8.85 26.95
C ARG A 840 7.43 7.64 27.04
N VAL A 841 7.40 6.76 26.02
CA VAL A 841 8.26 5.58 25.92
C VAL A 841 8.57 5.28 24.42
N PRO A 842 9.79 4.78 24.04
CA PRO A 842 10.04 4.52 22.61
C PRO A 842 9.28 3.29 22.08
N PHE A 843 9.26 2.21 22.87
CA PHE A 843 8.58 0.97 22.55
C PHE A 843 8.08 0.25 23.82
N VAL A 844 7.60 -0.99 23.68
CA VAL A 844 7.13 -1.73 24.85
C VAL A 844 8.04 -2.90 25.13
N LEU A 845 8.80 -2.76 26.22
CA LEU A 845 9.72 -3.73 26.77
C LEU A 845 9.52 -3.66 28.30
N THR A 846 8.30 -4.06 28.73
CA THR A 846 7.83 -4.08 30.12
C THR A 846 8.54 -5.19 30.93
N PRO A 847 8.54 -5.17 32.28
CA PRO A 847 9.26 -6.22 33.03
C PRO A 847 8.80 -7.66 32.83
N ASP A 848 7.51 -7.87 32.51
CA ASP A 848 6.97 -9.21 32.26
C ASP A 848 7.61 -9.88 31.04
N PHE A 849 8.01 -9.06 30.05
CA PHE A 849 8.69 -9.45 28.81
C PHE A 849 10.15 -9.79 29.16
N LEU A 850 10.74 -8.98 30.05
CA LEU A 850 12.11 -9.11 30.52
C LEU A 850 12.30 -10.34 31.39
N PHE A 851 11.29 -10.66 32.23
CA PHE A 851 11.28 -11.81 33.14
C PHE A 851 11.25 -13.13 32.35
N VAL A 852 10.61 -13.11 31.15
CA VAL A 852 10.52 -14.22 30.20
C VAL A 852 11.95 -14.53 29.69
N MET A 853 12.76 -13.48 29.51
CA MET A 853 14.16 -13.57 29.12
C MET A 853 15.02 -13.95 30.34
N GLY A 854 14.57 -13.52 31.53
CA GLY A 854 15.23 -13.80 32.80
C GLY A 854 15.99 -12.63 33.39
N THR A 855 15.32 -11.45 33.49
CA THR A 855 15.91 -10.23 34.05
C THR A 855 14.91 -9.38 34.84
N SER A 856 15.40 -8.71 35.91
CA SER A 856 14.61 -7.84 36.79
C SER A 856 15.34 -6.51 37.06
N GLY A 857 14.58 -5.48 37.39
CA GLY A 857 15.08 -4.12 37.65
C GLY A 857 15.87 -3.99 38.94
N THR A 860 21.58 -7.75 33.09
CA THR A 860 21.85 -8.66 31.98
C THR A 860 21.34 -10.10 32.24
N SER A 861 21.24 -10.90 31.16
CA SER A 861 20.74 -12.29 31.14
C SER A 861 21.19 -12.98 29.82
N PRO A 862 21.40 -14.33 29.75
CA PRO A 862 21.82 -14.95 28.47
C PRO A 862 20.82 -14.79 27.32
N HIS A 863 19.54 -14.49 27.63
CA HIS A 863 18.47 -14.26 26.68
C HIS A 863 18.32 -12.77 26.37
N PHE A 864 18.42 -11.91 27.41
CA PHE A 864 18.33 -10.45 27.27
C PHE A 864 19.47 -9.90 26.41
N GLN A 865 20.66 -10.53 26.53
CA GLN A 865 21.87 -10.23 25.75
C GLN A 865 21.60 -10.66 24.30
N LYS A 866 20.96 -11.84 24.11
CA LYS A 866 20.59 -12.39 22.80
C LYS A 866 19.56 -11.45 22.16
N PHE A 867 18.65 -10.88 22.97
CA PHE A 867 17.61 -9.94 22.57
C PHE A 867 18.24 -8.63 22.08
N GLN A 868 19.10 -8.01 22.91
CA GLN A 868 19.80 -6.75 22.62
C GLN A 868 20.63 -6.84 21.34
N ASP A 869 21.35 -7.97 21.16
CA ASP A 869 22.19 -8.24 20.01
C ASP A 869 21.35 -8.40 18.73
N ILE A 870 20.23 -9.15 18.79
CA ILE A 870 19.35 -9.33 17.63
C ILE A 870 18.60 -8.03 17.32
N CYS A 871 18.28 -7.21 18.36
CA CYS A 871 17.63 -5.90 18.24
C CYS A 871 18.49 -4.99 17.36
N VAL A 872 19.76 -4.85 17.72
CA VAL A 872 20.74 -4.03 17.02
C VAL A 872 20.96 -4.57 15.60
N LYS A 873 21.16 -5.91 15.48
CA LYS A 873 21.35 -6.59 14.19
C LYS A 873 20.18 -6.33 13.24
N ALA A 874 18.96 -6.21 13.79
CA ALA A 874 17.74 -5.91 13.04
C ALA A 874 17.65 -4.41 12.73
N TYR A 875 17.97 -3.54 13.71
CA TYR A 875 17.93 -2.07 13.58
C TYR A 875 18.89 -1.56 12.52
N LEU A 876 20.10 -2.10 12.49
CA LEU A 876 21.15 -1.73 11.53
C LEU A 876 20.80 -2.18 10.10
N ALA A 877 20.00 -3.26 9.96
CA ALA A 877 19.55 -3.77 8.65
C ALA A 877 18.56 -2.81 7.99
N LEU A 878 17.60 -2.27 8.77
CA LEU A 878 16.59 -1.29 8.33
C LEU A 878 17.24 0.04 7.97
N ARG A 879 18.35 0.37 8.65
CA ARG A 879 19.11 1.60 8.42
C ARG A 879 19.85 1.54 7.08
N HIS A 880 20.10 0.33 6.53
CA HIS A 880 20.75 0.18 5.23
C HIS A 880 19.74 0.56 4.15
N HIS A 881 18.44 0.53 4.49
CA HIS A 881 17.34 0.84 3.61
C HIS A 881 16.59 2.11 4.06
N THR A 882 17.34 3.10 4.59
CA THR A 882 16.83 4.39 5.08
C THR A 882 15.94 5.05 4.02
N ASN A 883 16.53 5.40 2.85
CA ASN A 883 15.83 6.01 1.72
C ASN A 883 14.53 5.29 1.38
N LEU A 884 14.52 3.93 1.37
CA LEU A 884 13.33 3.11 1.11
C LEU A 884 12.27 3.42 2.18
N LEU A 885 12.60 3.18 3.47
CA LEU A 885 11.72 3.40 4.62
C LEU A 885 11.19 4.82 4.73
N ILE A 886 12.08 5.83 4.52
CA ILE A 886 11.79 7.27 4.56
C ILE A 886 10.70 7.60 3.52
N ILE A 887 10.93 7.19 2.26
CA ILE A 887 10.00 7.46 1.18
C ILE A 887 8.73 6.57 1.28
N LEU A 888 8.81 5.38 1.88
CA LEU A 888 7.62 4.54 2.07
C LEU A 888 6.68 5.21 3.10
N PHE A 889 7.26 5.68 4.22
CA PHE A 889 6.57 6.36 5.32
C PHE A 889 5.94 7.67 4.86
N SER A 890 6.69 8.45 4.05
CA SER A 890 6.29 9.75 3.53
C SER A 890 5.01 9.63 2.70
N MET A 891 4.98 8.66 1.79
CA MET A 891 3.84 8.38 0.93
C MET A 891 2.67 7.84 1.73
N MET A 892 2.93 6.96 2.74
CA MET A 892 1.97 6.35 3.66
C MET A 892 1.13 7.45 4.31
N LEU A 893 1.81 8.49 4.82
CA LEU A 893 1.26 9.67 5.46
C LEU A 893 0.32 10.46 4.52
N MET A 894 0.83 10.88 3.35
CA MET A 894 0.12 11.68 2.34
C MET A 894 -1.11 10.99 1.75
N THR A 895 -1.00 9.70 1.42
CA THR A 895 -2.10 8.94 0.80
C THR A 895 -3.07 8.25 1.76
N GLY A 896 -2.63 7.93 2.98
CA GLY A 896 -3.45 7.24 3.97
C GLY A 896 -4.01 8.08 5.10
N MET A 897 -3.14 8.87 5.75
CA MET A 897 -3.52 9.72 6.88
C MET A 897 -4.00 11.09 6.41
N LYS A 903 4.49 18.02 6.96
CA LYS A 903 5.90 18.32 6.71
C LYS A 903 6.77 17.89 7.88
N GLU A 904 6.35 18.30 9.10
CA GLU A 904 7.02 18.06 10.37
C GLU A 904 6.84 16.64 10.89
N ASP A 905 5.64 16.05 10.70
CA ASP A 905 5.29 14.69 11.15
C ASP A 905 6.17 13.65 10.49
N ILE A 906 6.46 13.85 9.20
CA ILE A 906 7.29 12.97 8.39
C ILE A 906 8.73 12.96 8.90
N GLU A 907 9.25 14.14 9.30
CA GLU A 907 10.61 14.35 9.84
C GLU A 907 10.98 13.38 10.98
N TYR A 908 9.98 12.70 11.59
CA TYR A 908 10.19 11.74 12.67
C TYR A 908 11.18 10.61 12.31
N ILE A 909 11.03 9.98 11.11
CA ILE A 909 11.87 8.87 10.64
C ILE A 909 13.32 9.28 10.47
N ARG A 910 13.60 10.57 10.18
CA ARG A 910 14.96 11.08 10.05
C ARG A 910 15.70 10.77 11.35
N ASP A 911 15.12 11.22 12.49
CA ASP A 911 15.65 11.04 13.84
C ASP A 911 15.62 9.59 14.30
N ALA A 912 14.50 8.87 14.06
CA ALA A 912 14.32 7.46 14.43
C ALA A 912 15.29 6.53 13.69
N LEU A 913 15.52 6.74 12.37
CA LEU A 913 16.47 5.95 11.58
C LEU A 913 17.90 6.51 11.71
N THR A 914 18.08 7.45 12.67
CA THR A 914 19.31 8.15 13.03
C THR A 914 20.16 8.44 11.76
N VAL A 915 19.60 9.28 10.88
CA VAL A 915 20.22 9.70 9.62
C VAL A 915 21.44 10.54 9.96
N GLY A 916 22.57 10.19 9.33
CA GLY A 916 23.84 10.87 9.53
C GLY A 916 24.82 10.02 10.29
N LYS A 917 24.48 9.68 11.54
CA LYS A 917 25.28 8.87 12.48
C LYS A 917 25.76 7.52 11.88
N ASN A 918 26.95 7.05 12.31
CA ASN A 918 27.56 5.83 11.82
C ASN A 918 26.92 4.53 12.38
N GLU A 919 27.37 3.36 11.87
CA GLU A 919 26.89 2.02 12.23
C GLU A 919 27.06 1.70 13.73
N GLU A 920 28.19 2.14 14.34
CA GLU A 920 28.51 1.92 15.75
C GLU A 920 27.72 2.83 16.70
N ASP A 921 27.51 4.11 16.30
CA ASP A 921 26.76 5.13 17.04
C ASP A 921 25.28 4.75 17.15
N ALA A 922 24.72 4.13 16.10
CA ALA A 922 23.34 3.67 16.01
C ALA A 922 23.11 2.46 16.93
N LYS A 923 24.10 1.53 16.97
CA LYS A 923 24.08 0.36 17.83
C LYS A 923 23.85 0.83 19.26
N LYS A 924 24.70 1.77 19.74
CA LYS A 924 24.62 2.37 21.08
C LYS A 924 23.30 3.12 21.29
N TYR A 925 22.85 3.91 20.29
CA TYR A 925 21.61 4.69 20.34
C TYR A 925 20.37 3.83 20.56
N PHE A 926 20.33 2.64 19.92
CA PHE A 926 19.21 1.72 20.05
C PHE A 926 19.22 1.08 21.43
N LEU A 927 20.41 0.61 21.90
CA LEU A 927 20.61 0.00 23.22
C LEU A 927 20.20 0.96 24.35
N ASP A 928 20.32 2.28 24.11
CA ASP A 928 19.91 3.31 25.06
C ASP A 928 18.39 3.39 25.14
N GLN A 929 17.70 3.22 23.99
CA GLN A 929 16.24 3.23 23.90
C GLN A 929 15.64 1.99 24.62
N ILE A 930 16.44 0.91 24.70
CA ILE A 930 16.08 -0.32 25.42
C ILE A 930 16.02 0.07 26.92
N GLU A 931 17.06 0.81 27.39
CA GLU A 931 17.18 1.28 28.77
C GLU A 931 16.12 2.31 29.18
N VAL A 932 15.50 3.01 28.20
CA VAL A 932 14.42 3.98 28.49
C VAL A 932 13.15 3.19 28.89
N CYS A 933 12.97 1.98 28.31
CA CYS A 933 11.85 1.07 28.61
C CYS A 933 12.08 0.33 29.94
N ARG A 934 13.36 0.05 30.27
CA ARG A 934 13.81 -0.63 31.48
C ARG A 934 13.63 0.30 32.70
N ASP A 935 13.97 1.61 32.52
CA ASP A 935 13.84 2.65 33.55
C ASP A 935 12.37 2.90 33.89
N LYS A 936 11.50 3.02 32.86
CA LYS A 936 10.07 3.25 33.03
C LYS A 936 9.32 2.02 33.55
N GLY A 937 9.58 0.86 32.94
CA GLY A 937 8.97 -0.42 33.30
C GLY A 937 7.46 -0.42 33.15
N TRP A 938 6.74 -0.35 34.29
CA TRP A 938 5.29 -0.34 34.35
C TRP A 938 4.67 1.07 34.40
N THR A 939 5.52 2.12 34.51
CA THR A 939 5.12 3.54 34.60
C THR A 939 4.13 3.95 33.50
N VAL A 940 4.57 3.87 32.22
CA VAL A 940 3.79 4.24 31.04
C VAL A 940 2.55 3.36 30.88
N GLN A 941 2.70 2.04 31.10
CA GLN A 941 1.58 1.10 31.04
C GLN A 941 0.48 1.45 32.02
N PHE A 942 0.89 1.92 33.22
CA PHE A 942 0.00 2.39 34.28
C PHE A 942 -0.69 3.70 33.87
N ASN A 943 0.10 4.66 33.35
CA ASN A 943 -0.36 6.00 32.91
C ASN A 943 -1.56 5.94 31.97
N TRP A 944 -1.60 4.93 31.05
CA TRP A 944 -2.66 4.72 30.05
C TRP A 944 -4.03 4.50 30.72
N PHE A 945 -4.72 5.62 31.03
CA PHE A 945 -6.03 5.80 31.70
C PHE A 945 -6.42 4.66 32.65
C1 DD8 B . -8.53 -13.82 20.48
C3 DD8 B . -8.97 -11.35 20.44
O4 DD8 B . -9.54 -11.29 21.52
C7 DD8 B . -10.50 -8.51 19.75
C8 DD8 B . -10.62 -6.98 19.82
C10 DD8 B . -8.57 -6.76 21.15
C11 DD8 B . -8.30 -8.27 21.07
C12 DD8 B . -8.04 -10.78 18.49
C13 DD8 B . -7.88 -12.16 18.67
C14 DD8 B . -7.15 -12.90 17.73
C16 DD8 B . -6.75 -11.02 16.41
C19 DD8 B . -7.03 -8.26 15.87
C20 DD8 B . -7.59 -8.80 17.03
C21 DD8 B . -7.48 -10.18 17.32
C22 DD8 B . -7.25 -6.83 15.53
C24 DD8 B . -8.73 -4.92 15.31
N26 DD8 B . -6.46 -4.76 14.64
C27 DD8 B . -6.24 -6.03 14.97
N2 DD8 B . -8.49 -12.48 19.88
N5 DD8 B . -8.72 -10.30 19.61
C6 DD8 B . -9.01 -8.88 19.85
O9 DD8 B . -9.99 -6.51 21.01
N15 DD8 B . -6.62 -12.33 16.66
C17 DD8 B . -6.19 -10.44 15.25
C18 DD8 B . -6.34 -9.11 14.98
C23 DD8 B . -8.53 -6.25 15.66
C25 DD8 B . -7.66 -4.19 14.79
#